data_2QLC
#
_entry.id   2QLC
#
_cell.length_a   63.434
_cell.length_b   95.959
_cell.length_c   192.320
_cell.angle_alpha   90.00
_cell.angle_beta   90.00
_cell.angle_gamma   90.00
#
_symmetry.space_group_name_H-M   'P 21 21 21'
#
loop_
_entity.id
_entity.type
_entity.pdbx_description
1 polymer 'DNA repair protein radC homolog'
2 water water
#
_entity_poly.entity_id   1
_entity_poly.type   'polypeptide(L)'
_entity_poly.pdbx_seq_one_letter_code
;MNLKVKGARDVFEYMKGRIPDETKEHLFVLFLSTKNQILRHETITIGTLTASLIHPREIFKAAIRESAHSIILVHNHPSG
DVQPSNADKQVTSILKKAGDLLQIELLDHVIVGNNDWFSFRDHALL
;
_entity_poly.pdbx_strand_id   A,B,C,D,E,F,G,H
#
# COMPACT_ATOMS: atom_id res chain seq x y z
N MET A 1 -5.99 -15.70 35.38
CA MET A 1 -6.15 -14.34 34.79
C MET A 1 -6.24 -14.47 33.26
N ASN A 2 -7.48 -14.52 32.78
CA ASN A 2 -7.82 -14.54 31.35
C ASN A 2 -7.71 -13.16 30.69
N LEU A 3 -6.81 -12.30 31.17
CA LEU A 3 -6.73 -10.93 30.66
C LEU A 3 -5.77 -10.80 29.48
N LYS A 4 -5.13 -11.91 29.08
CA LYS A 4 -4.28 -11.92 27.90
C LYS A 4 -5.10 -12.36 26.69
N VAL A 5 -5.14 -11.49 25.69
CA VAL A 5 -5.86 -11.75 24.45
C VAL A 5 -4.98 -12.49 23.46
N LYS A 6 -5.31 -13.76 23.24
CA LYS A 6 -4.68 -14.56 22.19
C LYS A 6 -5.54 -14.54 20.92
N GLY A 7 -6.86 -14.55 21.08
CA GLY A 7 -7.78 -14.54 19.94
C GLY A 7 -9.06 -13.82 20.28
N ALA A 8 -9.99 -13.76 19.33
CA ALA A 8 -11.28 -13.04 19.53
C ALA A 8 -12.12 -13.62 20.67
N ARG A 9 -11.96 -14.91 20.92
CA ARG A 9 -12.72 -15.61 21.94
C ARG A 9 -12.46 -15.02 23.32
N ASP A 10 -11.23 -14.57 23.58
CA ASP A 10 -10.83 -13.96 24.85
C ASP A 10 -11.54 -12.63 25.02
N VAL A 11 -11.73 -11.91 23.94
CA VAL A 11 -12.48 -10.65 23.97
C VAL A 11 -13.94 -10.92 24.38
N PHE A 12 -14.55 -11.93 23.75
CA PHE A 12 -15.93 -12.36 24.01
C PHE A 12 -16.14 -12.65 25.52
N GLU A 13 -15.19 -13.36 26.10
CA GLU A 13 -15.28 -13.79 27.49
C GLU A 13 -15.06 -12.62 28.45
N TYR A 14 -14.08 -11.78 28.14
CA TYR A 14 -13.85 -10.56 28.90
C TYR A 14 -15.10 -9.68 28.95
N MET A 15 -15.81 -9.53 27.83
CA MET A 15 -16.97 -8.64 27.80
C MET A 15 -18.20 -9.21 28.51
N LYS A 16 -18.18 -10.48 28.84
CA LYS A 16 -19.30 -11.07 29.56
C LYS A 16 -19.55 -10.40 30.91
N GLY A 17 -20.81 -10.01 31.12
CA GLY A 17 -21.25 -9.26 32.30
C GLY A 17 -20.85 -7.80 32.26
N ARG A 18 -20.18 -7.34 31.20
CA ARG A 18 -19.76 -5.94 31.10
C ARG A 18 -20.64 -5.08 30.19
N ILE A 19 -21.65 -5.66 29.55
CA ILE A 19 -22.59 -4.85 28.79
C ILE A 19 -23.62 -4.31 29.78
N PRO A 20 -23.68 -2.98 29.94
CA PRO A 20 -24.61 -2.35 30.88
C PRO A 20 -26.09 -2.68 30.65
N ASP A 21 -26.53 -2.69 29.39
CA ASP A 21 -27.91 -3.06 29.00
C ASP A 21 -27.83 -3.76 27.68
N GLU A 22 -28.12 -5.05 27.66
CA GLU A 22 -27.94 -5.85 26.45
C GLU A 22 -29.00 -5.55 25.39
N THR A 23 -30.07 -4.85 25.77
CA THR A 23 -31.05 -4.40 24.76
C THR A 23 -30.54 -3.17 23.98
N LYS A 24 -29.55 -2.46 24.54
CA LYS A 24 -28.94 -1.29 23.90
C LYS A 24 -27.68 -1.69 23.14
N GLU A 25 -27.45 -0.99 22.03
CA GLU A 25 -26.21 -1.07 21.27
C GLU A 25 -25.14 -0.21 21.96
N HIS A 26 -23.94 -0.76 22.06
CA HIS A 26 -22.82 -0.17 22.77
C HIS A 26 -21.58 -0.39 21.96
N LEU A 27 -20.69 0.60 21.95
CA LEU A 27 -19.34 0.45 21.43
C LEU A 27 -18.34 0.59 22.57
N PHE A 28 -17.37 -0.33 22.58
CA PHE A 28 -16.34 -0.37 23.60
C PHE A 28 -14.97 -0.45 22.97
N VAL A 29 -13.97 0.08 23.67
CA VAL A 29 -12.58 -0.05 23.21
C VAL A 29 -11.79 -0.63 24.36
N LEU A 30 -11.13 -1.75 24.09
CA LEU A 30 -10.20 -2.35 25.02
C LEU A 30 -8.79 -1.84 24.70
N PHE A 31 -8.03 -1.57 25.76
CA PHE A 31 -6.67 -1.07 25.58
C PHE A 31 -5.69 -2.18 25.92
N LEU A 32 -4.83 -2.52 24.97
CA LEU A 32 -3.90 -3.65 25.15
C LEU A 32 -2.45 -3.24 25.33
N SER A 33 -1.75 -3.96 26.20
CA SER A 33 -0.32 -3.76 26.37
C SER A 33 0.48 -4.40 25.25
N THR A 34 1.80 -4.21 25.27
CA THR A 34 2.70 -4.83 24.26
C THR A 34 2.64 -6.34 24.34
N LYS A 35 2.08 -6.89 25.40
CA LYS A 35 1.94 -8.34 25.52
C LYS A 35 0.49 -8.82 25.38
N ASN A 36 -0.40 -7.96 24.86
CA ASN A 36 -1.81 -8.30 24.66
C ASN A 36 -2.60 -8.46 25.96
N GLN A 37 -2.13 -7.83 27.04
CA GLN A 37 -2.84 -7.85 28.30
C GLN A 37 -3.88 -6.75 28.26
N ILE A 38 -5.13 -7.03 28.62
CA ILE A 38 -6.17 -6.02 28.63
C ILE A 38 -5.96 -5.10 29.85
N LEU A 39 -5.50 -3.88 29.58
CA LEU A 39 -5.24 -2.86 30.58
C LEU A 39 -6.56 -2.36 31.15
N ARG A 40 -7.43 -1.92 30.25
CA ARG A 40 -8.76 -1.47 30.63
C ARG A 40 -9.61 -1.32 29.39
N HIS A 41 -10.87 -0.96 29.59
CA HIS A 41 -11.74 -0.71 28.48
C HIS A 41 -12.62 0.51 28.76
N GLU A 42 -13.13 1.10 27.71
CA GLU A 42 -14.00 2.26 27.86
C GLU A 42 -15.24 2.11 27.02
N THR A 43 -16.34 2.67 27.49
CA THR A 43 -17.56 2.76 26.70
C THR A 43 -17.55 4.00 25.81
N ILE A 44 -17.52 3.79 24.50
CA ILE A 44 -17.48 4.89 23.54
C ILE A 44 -18.88 5.46 23.30
N THR A 45 -19.61 4.86 22.37
CA THR A 45 -21.04 5.10 22.24
C THR A 45 -21.84 4.24 23.21
N ILE A 46 -22.85 4.84 23.84
CA ILE A 46 -24.11 4.15 24.10
C ILE A 46 -25.25 4.75 23.30
N GLY A 47 -25.81 3.97 22.39
CA GLY A 47 -26.83 4.46 21.48
C GLY A 47 -26.83 3.55 20.29
N THR A 48 -27.23 4.07 19.13
CA THR A 48 -27.15 3.34 17.87
C THR A 48 -25.92 3.83 17.11
N LEU A 49 -25.21 2.90 16.48
CA LEU A 49 -23.92 3.20 15.85
C LEU A 49 -24.01 3.99 14.53
N THR A 50 -23.90 5.31 14.62
CA THR A 50 -23.55 6.13 13.44
C THR A 50 -22.04 6.47 13.49
N ALA A 51 -21.41 6.47 12.32
CA ALA A 51 -19.99 6.85 12.20
C ALA A 51 -19.66 8.26 12.74
N SER A 52 -20.63 9.18 12.72
CA SER A 52 -20.43 10.55 13.25
C SER A 52 -20.29 10.61 14.78
N LEU A 53 -20.82 9.60 15.47
CA LEU A 53 -20.69 9.55 16.94
C LEU A 53 -19.26 9.12 17.35
N ILE A 54 -18.51 8.56 16.40
CA ILE A 54 -17.11 8.20 16.61
C ILE A 54 -16.20 9.43 16.44
N HIS A 55 -15.47 9.75 17.50
CA HIS A 55 -14.50 10.82 17.48
C HIS A 55 -13.16 10.21 17.83
N PRO A 56 -12.36 9.89 16.80
CA PRO A 56 -11.04 9.30 16.98
C PRO A 56 -10.23 10.04 18.04
N ARG A 57 -10.46 11.33 18.15
CA ARG A 57 -9.75 12.19 19.06
C ARG A 57 -9.87 11.74 20.51
N GLU A 58 -11.06 11.29 20.89
CA GLU A 58 -11.36 10.94 22.27
C GLU A 58 -10.82 9.55 22.58
N ILE A 59 -11.18 8.59 21.74
CA ILE A 59 -10.73 7.18 21.82
C ILE A 59 -9.23 7.06 22.00
N PHE A 60 -8.50 7.72 21.13
CA PHE A 60 -7.06 7.66 21.16
C PHE A 60 -6.42 8.55 22.21
N LYS A 61 -7.13 9.53 22.77
CA LYS A 61 -6.53 10.29 23.85
C LYS A 61 -6.40 9.38 25.08
N ALA A 62 -7.45 8.61 25.37
CA ALA A 62 -7.39 7.59 26.41
C ALA A 62 -6.35 6.51 26.11
N ALA A 63 -6.26 6.05 24.87
CA ALA A 63 -5.22 5.10 24.45
C ALA A 63 -3.82 5.64 24.73
N ILE A 64 -3.58 6.88 24.27
CA ILE A 64 -2.29 7.53 24.47
C ILE A 64 -2.01 7.80 25.96
N ARG A 65 -3.04 8.11 26.73
CA ARG A 65 -2.89 8.35 28.16
C ARG A 65 -2.59 7.07 28.94
N GLU A 66 -3.14 5.96 28.48
CA GLU A 66 -2.87 4.66 29.09
C GLU A 66 -1.65 4.00 28.47
N SER A 67 -0.93 4.76 27.65
CA SER A 67 0.09 4.18 26.78
C SER A 67 -0.28 2.77 26.35
N ALA A 68 -1.49 2.61 25.82
CA ALA A 68 -1.88 1.39 25.14
C ALA A 68 -1.03 1.15 23.90
N HIS A 69 -0.62 -0.10 23.70
CA HIS A 69 0.13 -0.48 22.49
C HIS A 69 -0.84 -0.65 21.29
N SER A 70 -1.94 -1.31 21.56
CA SER A 70 -2.98 -1.55 20.57
C SER A 70 -4.37 -1.44 21.23
N ILE A 71 -5.39 -1.47 20.38
CA ILE A 71 -6.77 -1.39 20.81
C ILE A 71 -7.58 -2.46 20.09
N ILE A 72 -8.65 -2.87 20.75
CA ILE A 72 -9.65 -3.73 20.17
C ILE A 72 -11.02 -3.07 20.36
N LEU A 73 -11.81 -3.05 19.29
CA LEU A 73 -13.15 -2.52 19.29
C LEU A 73 -14.12 -3.64 19.51
N VAL A 74 -15.08 -3.43 20.41
CA VAL A 74 -16.16 -4.36 20.65
C VAL A 74 -17.51 -3.65 20.50
N HIS A 75 -18.37 -4.25 19.68
CA HIS A 75 -19.76 -3.83 19.45
C HIS A 75 -20.69 -4.89 19.95
N ASN A 76 -21.69 -4.58 20.76
CA ASN A 76 -22.75 -5.55 20.97
C ASN A 76 -23.97 -5.30 20.08
N HIS A 77 -24.57 -6.41 19.61
CA HIS A 77 -25.83 -6.40 18.88
C HIS A 77 -26.97 -6.98 19.71
N PRO A 78 -27.92 -6.15 20.10
CA PRO A 78 -29.02 -6.58 20.96
C PRO A 78 -29.86 -7.68 20.31
N SER A 79 -29.68 -7.86 19.00
CA SER A 79 -30.72 -8.46 18.16
C SER A 79 -30.71 -9.97 18.29
N GLY A 80 -29.84 -10.62 17.51
CA GLY A 80 -28.75 -11.39 18.07
C GLY A 80 -27.70 -11.76 17.04
N ASP A 81 -27.90 -11.28 15.82
CA ASP A 81 -27.01 -11.62 14.71
C ASP A 81 -25.71 -10.81 14.78
N VAL A 82 -24.59 -11.50 14.97
CA VAL A 82 -23.32 -10.84 15.20
C VAL A 82 -22.63 -10.50 13.86
N GLN A 83 -23.35 -10.67 12.75
CA GLN A 83 -22.87 -10.25 11.44
C GLN A 83 -22.82 -8.73 11.42
N PRO A 84 -21.78 -8.16 10.78
CA PRO A 84 -21.58 -6.72 10.80
C PRO A 84 -22.43 -5.94 9.78
N SER A 85 -22.93 -4.78 10.24
CA SER A 85 -23.62 -3.81 9.40
C SER A 85 -22.58 -2.92 8.73
N ASN A 86 -23.03 -2.10 7.79
CA ASN A 86 -22.11 -1.22 7.07
C ASN A 86 -21.72 -0.01 7.93
N ALA A 87 -22.54 0.31 8.93
CA ALA A 87 -22.15 1.25 9.98
C ALA A 87 -20.92 0.72 10.76
N ASP A 88 -21.01 -0.53 11.22
CA ASP A 88 -19.89 -1.25 11.86
C ASP A 88 -18.63 -1.21 10.98
N LYS A 89 -18.78 -1.52 9.69
CA LYS A 89 -17.63 -1.57 8.77
C LYS A 89 -17.00 -0.20 8.45
N GLN A 90 -17.75 0.88 8.68
CA GLN A 90 -17.29 2.25 8.45
C GLN A 90 -16.45 2.77 9.63
N VAL A 91 -16.94 2.53 10.83
CA VAL A 91 -16.18 2.86 12.02
C VAL A 91 -14.87 2.05 12.08
N THR A 92 -14.86 0.85 11.50
CA THR A 92 -13.68 -0.01 11.47
C THR A 92 -12.62 0.58 10.55
N SER A 93 -13.09 1.16 9.45
CA SER A 93 -12.21 1.82 8.49
C SER A 93 -11.57 3.03 9.11
N ILE A 94 -12.34 3.90 9.74
CA ILE A 94 -11.75 5.13 10.25
C ILE A 94 -10.83 4.90 11.48
N LEU A 95 -11.14 3.93 12.34
CA LEU A 95 -10.26 3.63 13.47
C LEU A 95 -9.06 2.78 13.06
N LYS A 96 -9.22 1.92 12.06
CA LYS A 96 -8.07 1.20 11.55
C LYS A 96 -7.00 2.15 11.07
N LYS A 97 -7.37 3.13 10.26
CA LYS A 97 -6.35 4.02 9.69
C LYS A 97 -5.96 5.19 10.60
N ALA A 98 -6.79 5.53 11.57
CA ALA A 98 -6.37 6.42 12.66
C ALA A 98 -5.34 5.72 13.59
N GLY A 99 -5.52 4.43 13.85
CA GLY A 99 -4.55 3.66 14.59
C GLY A 99 -3.25 3.43 13.85
N ASP A 100 -3.33 3.20 12.55
CA ASP A 100 -2.14 3.12 11.74
C ASP A 100 -1.40 4.46 11.76
N LEU A 101 -2.13 5.55 11.59
CA LEU A 101 -1.52 6.86 11.67
C LEU A 101 -0.73 6.97 12.97
N LEU A 102 -1.43 6.74 14.08
CA LEU A 102 -0.88 7.00 15.40
C LEU A 102 -0.04 5.83 15.97
N GLN A 103 0.10 4.74 15.21
CA GLN A 103 0.82 3.55 15.64
C GLN A 103 0.29 2.96 16.92
N ILE A 104 -1.03 2.97 17.04
CA ILE A 104 -1.76 2.24 18.06
C ILE A 104 -2.76 1.39 17.28
N GLU A 105 -2.30 0.21 16.86
CA GLU A 105 -2.95 -0.66 15.87
C GLU A 105 -4.33 -1.12 16.33
N LEU A 106 -5.32 -1.06 15.43
CA LEU A 106 -6.58 -1.78 15.63
C LEU A 106 -6.36 -3.26 15.34
N LEU A 107 -6.21 -4.02 16.41
CA LEU A 107 -5.92 -5.42 16.33
C LEU A 107 -7.12 -6.21 15.80
N ASP A 108 -8.32 -5.89 16.28
CA ASP A 108 -9.51 -6.56 15.82
C ASP A 108 -10.73 -5.71 16.16
N HIS A 109 -11.83 -6.03 15.51
CA HIS A 109 -13.17 -5.56 15.84
C HIS A 109 -14.02 -6.79 16.05
N VAL A 110 -14.62 -6.88 17.23
CA VAL A 110 -15.39 -8.08 17.58
C VAL A 110 -16.82 -7.69 17.88
N ILE A 111 -17.77 -8.26 17.15
CA ILE A 111 -19.18 -8.02 17.45
C ILE A 111 -19.69 -9.14 18.37
N VAL A 112 -20.32 -8.77 19.47
CA VAL A 112 -20.82 -9.74 20.43
C VAL A 112 -22.35 -9.71 20.52
N GLY A 113 -22.92 -10.85 20.88
CA GLY A 113 -24.36 -11.01 20.97
C GLY A 113 -24.57 -12.15 21.94
N ASN A 114 -25.78 -12.72 21.92
CA ASN A 114 -26.19 -13.71 22.91
C ASN A 114 -25.06 -14.66 23.33
N ASN A 115 -24.71 -15.56 22.44
CA ASN A 115 -23.88 -16.71 22.80
C ASN A 115 -22.73 -16.78 21.82
N ASP A 116 -22.48 -15.66 21.16
CA ASP A 116 -21.86 -15.69 19.88
C ASP A 116 -21.11 -14.40 19.60
N TRP A 117 -20.10 -14.52 18.74
CA TRP A 117 -19.24 -13.42 18.38
C TRP A 117 -18.77 -13.54 16.96
N PHE A 118 -18.39 -12.38 16.40
CA PHE A 118 -17.89 -12.28 15.05
C PHE A 118 -16.61 -11.48 15.10
N SER A 119 -15.53 -12.04 14.58
CA SER A 119 -14.26 -11.34 14.44
C SER A 119 -14.07 -10.77 13.02
N PHE A 120 -13.86 -9.46 12.89
CA PHE A 120 -13.46 -8.87 11.59
C PHE A 120 -12.13 -9.47 11.07
N ARG A 121 -11.12 -9.60 11.91
CA ARG A 121 -9.86 -10.18 11.46
C ARG A 121 -10.03 -11.63 10.96
N ASP A 122 -10.83 -12.42 11.66
CA ASP A 122 -11.00 -13.84 11.31
C ASP A 122 -11.78 -14.00 10.02
N HIS A 123 -12.60 -13.00 9.68
CA HIS A 123 -13.29 -12.99 8.39
C HIS A 123 -12.59 -12.12 7.35
N ALA A 124 -11.25 -12.03 7.45
CA ALA A 124 -10.43 -11.32 6.47
C ALA A 124 -10.97 -9.93 6.14
N LEU A 125 -11.45 -9.23 7.16
CA LEU A 125 -12.28 -8.06 6.99
C LEU A 125 -11.68 -6.83 7.68
N LEU A 126 -10.46 -6.92 8.18
CA LEU A 126 -9.89 -5.84 9.00
C LEU A 126 -9.04 -4.94 8.14
N ASN B 2 26.59 -5.78 -29.23
CA ASN B 2 25.78 -5.77 -27.95
C ASN B 2 26.66 -5.88 -26.72
N LEU B 3 26.63 -4.84 -25.91
CA LEU B 3 27.52 -4.72 -24.78
C LEU B 3 27.09 -5.71 -23.69
N LYS B 4 28.06 -6.51 -23.21
CA LYS B 4 27.86 -7.30 -22.01
C LYS B 4 28.13 -6.43 -20.80
N VAL B 5 27.14 -6.31 -19.91
CA VAL B 5 27.29 -5.61 -18.63
C VAL B 5 27.94 -6.56 -17.60
N LYS B 6 29.15 -6.22 -17.20
CA LYS B 6 29.86 -6.93 -16.16
C LYS B 6 29.95 -6.03 -14.92
N GLY B 7 29.61 -4.75 -15.09
CA GLY B 7 29.75 -3.75 -14.06
C GLY B 7 28.86 -2.56 -14.35
N ALA B 8 28.62 -1.76 -13.30
CA ALA B 8 27.99 -0.43 -13.40
C ALA B 8 28.68 0.55 -14.38
N ARG B 9 29.97 0.36 -14.59
CA ARG B 9 30.78 1.16 -15.50
C ARG B 9 30.40 0.92 -16.97
N ASP B 10 30.09 -0.34 -17.31
CA ASP B 10 29.51 -0.68 -18.62
C ASP B 10 28.16 0.05 -18.88
N VAL B 11 27.38 0.28 -17.84
CA VAL B 11 26.13 0.99 -17.99
C VAL B 11 26.43 2.45 -18.30
N PHE B 12 27.42 3.00 -17.62
CA PHE B 12 27.79 4.39 -17.77
C PHE B 12 28.32 4.61 -19.17
N GLU B 13 29.18 3.68 -19.58
CA GLU B 13 29.67 3.67 -20.93
C GLU B 13 28.59 3.53 -21.99
N TYR B 14 27.73 2.56 -21.84
CA TYR B 14 26.64 2.37 -22.78
C TYR B 14 25.83 3.68 -22.91
N MET B 15 25.52 4.30 -21.78
CA MET B 15 24.65 5.47 -21.74
C MET B 15 25.23 6.76 -22.33
N LYS B 16 26.56 6.80 -22.51
CA LYS B 16 27.24 7.97 -23.07
C LYS B 16 26.74 8.28 -24.50
N GLY B 17 26.36 9.52 -24.75
CA GLY B 17 25.75 9.89 -26.03
C GLY B 17 24.30 9.48 -26.27
N ARG B 18 23.65 8.89 -25.27
CA ARG B 18 22.30 8.37 -25.45
C ARG B 18 21.20 9.15 -24.74
N ILE B 19 21.53 10.24 -24.05
CA ILE B 19 20.52 11.07 -23.41
C ILE B 19 19.98 12.07 -24.41
N PRO B 20 18.68 11.98 -24.75
CA PRO B 20 18.15 12.82 -25.85
C PRO B 20 18.40 14.34 -25.63
N ASP B 21 18.18 14.80 -24.40
CA ASP B 21 18.45 16.17 -24.01
C ASP B 21 18.90 16.14 -22.56
N GLU B 22 20.17 16.44 -22.33
CA GLU B 22 20.78 16.28 -21.00
C GLU B 22 20.34 17.32 -19.99
N THR B 23 19.65 18.38 -20.46
CA THR B 23 18.97 19.32 -19.56
C THR B 23 17.64 18.77 -18.97
N LYS B 24 17.11 17.71 -19.58
CA LYS B 24 15.82 17.09 -19.18
C LYS B 24 15.98 15.73 -18.48
N GLU B 25 14.98 15.37 -17.66
CA GLU B 25 15.00 14.12 -16.88
C GLU B 25 14.45 12.96 -17.65
N HIS B 26 15.14 11.85 -17.61
CA HIS B 26 14.58 10.63 -18.19
C HIS B 26 14.76 9.46 -17.28
N LEU B 27 13.90 8.49 -17.50
CA LEU B 27 14.05 7.15 -17.01
C LEU B 27 14.41 6.31 -18.24
N PHE B 28 15.50 5.52 -18.12
CA PHE B 28 15.87 4.54 -19.14
C PHE B 28 15.77 3.15 -18.52
N VAL B 29 15.30 2.20 -19.29
CA VAL B 29 15.21 0.81 -18.89
C VAL B 29 16.02 0.03 -19.89
N LEU B 30 17.10 -0.59 -19.43
CA LEU B 30 17.98 -1.38 -20.29
C LEU B 30 17.45 -2.80 -20.20
N PHE B 31 17.24 -3.41 -21.36
CA PHE B 31 16.77 -4.79 -21.47
C PHE B 31 17.96 -5.68 -21.72
N LEU B 32 18.18 -6.63 -20.81
CA LEU B 32 19.34 -7.53 -20.88
C LEU B 32 18.94 -8.96 -21.20
N SER B 33 19.72 -9.60 -22.05
CA SER B 33 19.49 -11.02 -22.39
C SER B 33 20.01 -11.87 -21.25
N THR B 34 19.79 -13.17 -21.33
CA THR B 34 20.34 -14.09 -20.34
C THR B 34 21.88 -14.09 -20.24
N LYS B 35 22.57 -13.78 -21.34
CA LYS B 35 24.03 -13.55 -21.33
C LYS B 35 24.47 -12.19 -20.75
N ASN B 36 23.53 -11.38 -20.26
CA ASN B 36 23.81 -10.04 -19.73
C ASN B 36 24.25 -9.02 -20.79
N GLN B 37 23.78 -9.25 -22.01
CA GLN B 37 23.98 -8.33 -23.10
C GLN B 37 22.81 -7.36 -23.20
N ILE B 38 23.12 -6.07 -23.39
CA ILE B 38 22.08 -5.06 -23.61
C ILE B 38 21.46 -5.27 -25.00
N LEU B 39 20.18 -5.65 -25.03
CA LEU B 39 19.42 -5.83 -26.26
C LEU B 39 18.97 -4.49 -26.86
N ARG B 40 18.49 -3.61 -26.00
CA ARG B 40 17.79 -2.37 -26.35
C ARG B 40 17.58 -1.64 -25.05
N HIS B 41 17.22 -0.38 -25.16
CA HIS B 41 16.64 0.34 -24.05
C HIS B 41 15.38 1.13 -24.49
N GLU B 42 14.48 1.30 -23.54
CA GLU B 42 13.32 2.16 -23.68
C GLU B 42 13.64 3.46 -22.94
N THR B 43 13.29 4.59 -23.52
CA THR B 43 13.48 5.90 -22.92
C THR B 43 12.15 6.53 -22.57
N ILE B 44 12.04 7.01 -21.36
CA ILE B 44 10.81 7.63 -20.89
C ILE B 44 11.16 8.98 -20.32
N THR B 45 10.72 10.03 -20.98
CA THR B 45 10.87 11.41 -20.50
C THR B 45 9.92 11.68 -19.32
N ILE B 46 10.41 12.13 -18.19
CA ILE B 46 9.54 12.17 -17.01
C ILE B 46 9.20 13.55 -16.37
N GLY B 47 8.18 13.56 -15.52
CA GLY B 47 7.72 14.78 -14.86
C GLY B 47 6.64 14.39 -13.90
N THR B 48 5.89 15.39 -13.44
CA THR B 48 4.87 15.23 -12.41
C THR B 48 3.69 14.44 -12.91
N LEU B 49 3.51 14.36 -14.24
CA LEU B 49 2.34 13.63 -14.84
C LEU B 49 2.67 12.27 -15.48
N THR B 50 3.88 11.75 -15.24
CA THR B 50 4.31 10.47 -15.84
C THR B 50 4.30 9.26 -14.89
N ALA B 51 3.82 9.42 -13.66
CA ALA B 51 3.76 8.28 -12.71
C ALA B 51 3.27 6.99 -13.29
N SER B 52 2.24 7.03 -14.12
CA SER B 52 1.71 5.77 -14.67
C SER B 52 2.63 5.14 -15.69
N LEU B 53 3.51 5.92 -16.29
CA LEU B 53 4.36 5.42 -17.38
C LEU B 53 5.51 4.57 -16.81
N ILE B 54 5.81 4.83 -15.53
CA ILE B 54 6.94 4.26 -14.85
C ILE B 54 6.54 3.28 -13.76
N HIS B 55 5.23 2.98 -13.67
CA HIS B 55 4.77 1.93 -12.81
C HIS B 55 5.47 0.64 -13.25
N PRO B 56 5.93 -0.17 -12.26
CA PRO B 56 6.55 -1.47 -12.46
C PRO B 56 5.93 -2.33 -13.53
N ARG B 57 4.61 -2.38 -13.57
CA ARG B 57 3.88 -3.20 -14.53
C ARG B 57 4.05 -2.72 -15.96
N GLU B 58 4.13 -1.40 -16.18
CA GLU B 58 4.45 -0.87 -17.48
C GLU B 58 5.90 -1.16 -17.85
N ILE B 59 6.81 -1.01 -16.89
CA ILE B 59 8.24 -1.24 -17.15
C ILE B 59 8.51 -2.69 -17.46
N PHE B 60 7.88 -3.58 -16.71
CA PHE B 60 8.01 -5.02 -16.94
C PHE B 60 7.17 -5.60 -18.08
N LYS B 61 6.07 -4.98 -18.48
CA LYS B 61 5.38 -5.41 -19.70
C LYS B 61 6.28 -5.12 -20.91
N ALA B 62 6.88 -3.95 -20.92
CA ALA B 62 7.91 -3.54 -21.89
C ALA B 62 9.07 -4.52 -21.96
N ALA B 63 9.65 -4.86 -20.80
CA ALA B 63 10.72 -5.85 -20.71
C ALA B 63 10.30 -7.24 -21.19
N ILE B 64 9.14 -7.71 -20.72
CA ILE B 64 8.64 -9.01 -21.16
C ILE B 64 8.43 -9.00 -22.67
N ARG B 65 7.94 -7.88 -23.22
CA ARG B 65 7.71 -7.75 -24.66
C ARG B 65 9.01 -7.85 -25.43
N GLU B 66 10.05 -7.25 -24.87
CA GLU B 66 11.35 -7.15 -25.50
C GLU B 66 12.22 -8.38 -25.24
N SER B 67 11.68 -9.44 -24.64
CA SER B 67 12.44 -10.67 -24.38
C SER B 67 13.53 -10.57 -23.30
N ALA B 68 13.50 -9.52 -22.49
CA ALA B 68 14.49 -9.31 -21.43
C ALA B 68 14.38 -10.42 -20.39
N HIS B 69 15.53 -10.90 -19.93
CA HIS B 69 15.61 -11.80 -18.82
C HIS B 69 15.93 -11.07 -17.55
N SER B 70 16.54 -9.89 -17.69
CA SER B 70 16.80 -8.99 -16.59
C SER B 70 16.75 -7.53 -17.08
N ILE B 71 16.86 -6.59 -16.16
CA ILE B 71 16.78 -5.17 -16.50
C ILE B 71 17.73 -4.36 -15.64
N ILE B 72 18.16 -3.24 -16.16
CA ILE B 72 18.90 -2.24 -15.43
C ILE B 72 18.11 -0.93 -15.63
N LEU B 73 18.01 -0.17 -14.56
CA LEU B 73 17.35 1.12 -14.54
C LEU B 73 18.40 2.26 -14.52
N VAL B 74 18.19 3.29 -15.32
CA VAL B 74 19.02 4.48 -15.32
C VAL B 74 18.16 5.73 -15.25
N HIS B 75 18.61 6.71 -14.46
CA HIS B 75 18.06 8.06 -14.48
C HIS B 75 19.23 8.95 -14.76
N ASN B 76 19.01 9.96 -15.59
CA ASN B 76 19.95 11.07 -15.67
C ASN B 76 19.53 12.26 -14.76
N HIS B 77 20.53 12.92 -14.21
CA HIS B 77 20.35 14.13 -13.40
C HIS B 77 20.92 15.33 -14.19
N PRO B 78 20.03 16.18 -14.73
CA PRO B 78 20.42 17.45 -15.37
C PRO B 78 21.30 18.32 -14.47
N SER B 79 20.98 18.35 -13.17
CA SER B 79 21.81 19.00 -12.14
C SER B 79 23.28 18.68 -12.24
N GLY B 80 23.60 17.52 -12.82
CA GLY B 80 24.95 17.04 -12.85
C GLY B 80 25.45 16.43 -11.54
N ASP B 81 24.57 16.32 -10.54
CA ASP B 81 24.92 15.65 -9.29
C ASP B 81 24.21 14.31 -9.24
N VAL B 82 24.96 13.29 -8.86
CA VAL B 82 24.65 11.92 -9.19
C VAL B 82 24.10 11.12 -7.95
N GLN B 83 24.09 11.74 -6.78
CA GLN B 83 23.39 11.21 -5.60
C GLN B 83 21.94 10.97 -5.92
N PRO B 84 21.38 9.83 -5.50
CA PRO B 84 19.98 9.56 -5.69
C PRO B 84 19.08 10.46 -4.87
N SER B 85 18.17 11.14 -5.55
CA SER B 85 16.98 11.71 -4.89
C SER B 85 16.29 10.59 -4.16
N ASN B 86 15.30 10.90 -3.33
CA ASN B 86 14.50 9.83 -2.69
C ASN B 86 13.40 9.31 -3.61
N ALA B 87 13.01 10.09 -4.60
CA ALA B 87 12.13 9.59 -5.67
C ALA B 87 12.86 8.46 -6.45
N ASP B 88 14.16 8.62 -6.67
CA ASP B 88 14.98 7.57 -7.27
C ASP B 88 15.03 6.35 -6.36
N LYS B 89 15.06 6.56 -5.05
CA LYS B 89 15.14 5.45 -4.11
C LYS B 89 13.88 4.64 -4.02
N GLN B 90 12.74 5.32 -4.14
CA GLN B 90 11.44 4.68 -3.91
C GLN B 90 11.04 3.82 -5.11
N VAL B 91 11.38 4.25 -6.31
CA VAL B 91 11.16 3.44 -7.50
C VAL B 91 11.98 2.17 -7.47
N THR B 92 13.22 2.27 -6.96
CA THR B 92 14.12 1.13 -6.93
C THR B 92 13.55 -0.02 -6.13
N SER B 93 13.05 0.26 -4.92
CA SER B 93 12.53 -0.81 -4.07
C SER B 93 11.27 -1.45 -4.66
N ILE B 94 10.37 -0.64 -5.19
CA ILE B 94 9.13 -1.14 -5.79
C ILE B 94 9.49 -1.99 -7.02
N LEU B 95 10.38 -1.47 -7.83
CA LEU B 95 10.76 -2.14 -9.05
C LEU B 95 11.49 -3.47 -8.79
N LYS B 96 12.40 -3.46 -7.82
CA LYS B 96 13.09 -4.65 -7.39
C LYS B 96 12.12 -5.77 -6.98
N LYS B 97 11.16 -5.44 -6.13
CA LYS B 97 10.14 -6.43 -5.68
C LYS B 97 9.30 -7.00 -6.86
N ALA B 98 8.90 -6.16 -7.78
CA ALA B 98 8.10 -6.60 -8.90
C ALA B 98 8.91 -7.55 -9.78
N GLY B 99 10.20 -7.26 -9.94
CA GLY B 99 11.13 -8.12 -10.66
C GLY B 99 11.25 -9.48 -10.04
N ASP B 100 11.29 -9.53 -8.70
CA ASP B 100 11.37 -10.81 -8.02
C ASP B 100 10.12 -11.62 -8.24
N LEU B 101 8.94 -10.96 -8.21
CA LEU B 101 7.70 -11.63 -8.52
C LEU B 101 7.72 -12.25 -9.90
N LEU B 102 8.24 -11.49 -10.85
CA LEU B 102 8.30 -11.93 -12.24
C LEU B 102 9.48 -12.75 -12.58
N GLN B 103 10.45 -12.79 -11.66
CA GLN B 103 11.73 -13.48 -11.89
C GLN B 103 12.43 -12.86 -13.11
N ILE B 104 12.32 -11.55 -13.18
CA ILE B 104 13.08 -10.74 -14.12
C ILE B 104 13.83 -9.75 -13.24
N GLU B 105 15.06 -10.13 -12.92
CA GLU B 105 15.84 -9.41 -11.93
C GLU B 105 16.20 -7.96 -12.35
N LEU B 106 16.09 -7.05 -11.39
CA LEU B 106 16.63 -5.69 -11.51
C LEU B 106 18.10 -5.73 -11.09
N LEU B 107 19.03 -5.72 -12.05
CA LEU B 107 20.44 -5.94 -11.76
C LEU B 107 21.13 -4.75 -11.11
N ASP B 108 20.68 -3.56 -11.43
CA ASP B 108 21.23 -2.35 -10.85
C ASP B 108 20.35 -1.19 -11.22
N HIS B 109 20.51 -0.12 -10.46
CA HIS B 109 19.95 1.16 -10.77
C HIS B 109 21.16 2.11 -10.81
N VAL B 110 21.42 2.73 -11.96
CA VAL B 110 22.55 3.63 -12.10
C VAL B 110 22.03 5.03 -12.40
N ILE B 111 22.53 6.03 -11.66
CA ILE B 111 22.27 7.44 -11.94
C ILE B 111 23.45 7.95 -12.76
N VAL B 112 23.17 8.53 -13.92
CA VAL B 112 24.23 9.10 -14.76
C VAL B 112 24.09 10.62 -14.77
N GLY B 113 25.22 11.29 -14.67
CA GLY B 113 25.28 12.68 -14.22
C GLY B 113 25.66 13.58 -15.34
N ASN B 114 26.93 13.96 -15.38
CA ASN B 114 27.54 14.48 -16.60
C ASN B 114 28.48 13.41 -17.09
N ASN B 115 29.59 13.29 -16.35
CA ASN B 115 30.63 12.33 -16.60
C ASN B 115 30.82 11.50 -15.34
N ASP B 116 29.77 11.49 -14.52
CA ASP B 116 29.78 10.69 -13.30
C ASP B 116 28.61 9.67 -13.26
N TRP B 117 28.75 8.70 -12.36
CA TRP B 117 27.73 7.71 -12.15
C TRP B 117 27.66 7.25 -10.71
N PHE B 118 26.43 6.90 -10.29
CA PHE B 118 26.15 6.33 -8.97
C PHE B 118 25.48 4.97 -9.20
N SER B 119 26.07 3.91 -8.67
CA SER B 119 25.48 2.58 -8.75
C SER B 119 24.82 2.24 -7.43
N PHE B 120 23.55 1.85 -7.48
CA PHE B 120 22.85 1.42 -6.28
C PHE B 120 23.48 0.15 -5.73
N ARG B 121 23.52 -0.87 -6.57
CA ARG B 121 24.05 -2.17 -6.23
C ARG B 121 25.37 -2.08 -5.47
N ASP B 122 26.34 -1.40 -6.04
CA ASP B 122 27.63 -1.45 -5.40
C ASP B 122 27.80 -0.41 -4.26
N HIS B 123 26.75 0.33 -3.92
CA HIS B 123 26.72 1.14 -2.70
C HIS B 123 25.83 0.51 -1.66
N ALA B 124 25.40 -0.73 -1.85
CA ALA B 124 24.56 -1.39 -0.85
C ALA B 124 23.07 -0.97 -0.78
N LEU B 125 22.57 -0.23 -1.77
CA LEU B 125 21.23 0.39 -1.68
C LEU B 125 20.09 -0.34 -2.42
N ASN C 2 5.80 18.26 -27.63
CA ASN C 2 4.63 19.19 -27.53
C ASN C 2 3.30 18.43 -27.38
N LEU C 3 3.13 17.34 -28.14
CA LEU C 3 1.94 16.47 -27.97
C LEU C 3 2.06 15.53 -26.73
N LYS C 4 3.29 15.33 -26.26
CA LYS C 4 3.60 14.52 -25.09
C LYS C 4 3.67 15.34 -23.76
N VAL C 5 2.76 15.01 -22.84
CA VAL C 5 2.68 15.67 -21.54
C VAL C 5 3.57 15.01 -20.50
N LYS C 6 4.53 15.76 -19.97
CA LYS C 6 5.33 15.33 -18.83
C LYS C 6 4.86 15.99 -17.54
N GLY C 7 4.47 17.25 -17.63
CA GLY C 7 3.89 17.97 -16.51
C GLY C 7 2.92 19.03 -16.96
N ALA C 8 2.48 19.88 -16.04
CA ALA C 8 1.42 20.89 -16.33
C ALA C 8 1.89 22.01 -17.24
N ARG C 9 3.19 22.30 -17.25
CA ARG C 9 3.69 23.31 -18.17
C ARG C 9 3.41 22.89 -19.61
N ASP C 10 3.53 21.60 -19.93
CA ASP C 10 3.17 21.10 -21.28
C ASP C 10 1.70 21.25 -21.62
N VAL C 11 0.84 21.17 -20.61
CA VAL C 11 -0.59 21.37 -20.80
C VAL C 11 -0.86 22.84 -21.11
N PHE C 12 -0.22 23.72 -20.33
CA PHE C 12 -0.23 25.16 -20.59
C PHE C 12 0.30 25.50 -21.96
N GLU C 13 1.49 25.01 -22.31
CA GLU C 13 2.00 25.28 -23.65
C GLU C 13 1.05 24.74 -24.72
N TYR C 14 0.46 23.56 -24.52
CA TYR C 14 -0.44 23.00 -25.54
C TYR C 14 -1.69 23.88 -25.76
N MET C 15 -2.26 24.39 -24.68
CA MET C 15 -3.54 25.04 -24.77
C MET C 15 -3.45 26.46 -25.26
N LYS C 16 -2.23 27.00 -25.29
CA LYS C 16 -2.08 28.38 -25.70
C LYS C 16 -2.08 28.44 -27.24
N GLY C 17 -2.93 29.31 -27.75
CA GLY C 17 -3.29 29.29 -29.15
C GLY C 17 -4.46 28.40 -29.50
N ARG C 18 -4.98 27.63 -28.55
CA ARG C 18 -6.08 26.70 -28.81
C ARG C 18 -7.40 27.05 -28.13
N ILE C 19 -7.50 28.19 -27.45
CA ILE C 19 -8.82 28.61 -26.95
C ILE C 19 -9.64 29.18 -28.11
N PRO C 20 -10.81 28.59 -28.38
CA PRO C 20 -11.59 29.10 -29.53
C PRO C 20 -12.04 30.56 -29.42
N ASP C 21 -12.33 30.99 -28.19
CA ASP C 21 -12.75 32.34 -27.91
C ASP C 21 -12.16 32.80 -26.58
N GLU C 22 -11.15 33.64 -26.74
CA GLU C 22 -10.27 34.07 -25.68
C GLU C 22 -10.95 35.00 -24.69
N THR C 23 -12.09 35.60 -25.07
CA THR C 23 -12.89 36.45 -24.16
C THR C 23 -13.85 35.63 -23.32
N LYS C 24 -13.87 34.31 -23.55
CA LYS C 24 -14.73 33.38 -22.82
C LYS C 24 -13.99 32.30 -22.06
N GLU C 25 -14.62 31.97 -20.95
CA GLU C 25 -14.25 30.93 -20.03
C GLU C 25 -14.76 29.63 -20.62
N HIS C 26 -13.88 28.64 -20.67
CA HIS C 26 -14.16 27.30 -21.18
C HIS C 26 -13.59 26.34 -20.15
N LEU C 27 -14.05 25.11 -20.23
CA LEU C 27 -13.56 24.03 -19.47
C LEU C 27 -13.41 23.01 -20.56
N PHE C 28 -12.17 22.56 -20.79
CA PHE C 28 -11.80 21.60 -21.84
C PHE C 28 -11.38 20.25 -21.20
N VAL C 29 -11.49 19.17 -21.98
CA VAL C 29 -10.96 17.83 -21.64
C VAL C 29 -9.98 17.44 -22.70
N LEU C 30 -8.79 16.99 -22.28
CA LEU C 30 -7.75 16.45 -23.14
C LEU C 30 -7.72 14.96 -22.97
N PHE C 31 -7.69 14.26 -24.09
CA PHE C 31 -7.71 12.79 -24.08
C PHE C 31 -6.28 12.36 -24.30
N LEU C 32 -5.78 11.45 -23.46
CA LEU C 32 -4.37 11.09 -23.49
C LEU C 32 -4.22 9.59 -23.73
N SER C 33 -3.18 9.22 -24.44
CA SER C 33 -2.82 7.84 -24.65
C SER C 33 -2.04 7.28 -23.49
N THR C 34 -1.79 5.97 -23.55
CA THR C 34 -0.96 5.28 -22.56
C THR C 34 0.44 5.87 -22.43
N LYS C 35 0.94 6.57 -23.44
CA LYS C 35 2.24 7.27 -23.34
C LYS C 35 2.15 8.78 -23.09
N ASN C 36 0.98 9.27 -22.66
CA ASN C 36 0.77 10.69 -22.36
C ASN C 36 0.85 11.61 -23.57
N GLN C 37 0.53 11.07 -24.74
CA GLN C 37 0.35 11.86 -25.94
C GLN C 37 -1.07 12.40 -25.97
N ILE C 38 -1.24 13.68 -26.21
CA ILE C 38 -2.57 14.24 -26.33
C ILE C 38 -3.15 13.76 -27.65
N LEU C 39 -4.26 13.03 -27.59
CA LEU C 39 -4.89 12.45 -28.79
C LEU C 39 -5.77 13.48 -29.41
N ARG C 40 -6.43 14.26 -28.55
CA ARG C 40 -7.49 15.19 -28.97
C ARG C 40 -7.92 15.96 -27.73
N HIS C 41 -8.66 17.05 -27.92
CA HIS C 41 -9.34 17.70 -26.81
C HIS C 41 -10.74 18.18 -27.23
N GLU C 42 -11.53 18.74 -26.31
CA GLU C 42 -12.96 18.97 -26.51
C GLU C 42 -13.46 19.96 -25.47
N THR C 43 -14.30 20.94 -25.85
CA THR C 43 -14.88 21.89 -24.86
C THR C 43 -16.02 21.27 -24.10
N ILE C 44 -16.03 21.39 -22.77
CA ILE C 44 -17.11 20.85 -21.93
C ILE C 44 -18.21 21.90 -21.69
N THR C 45 -17.83 23.04 -21.12
CA THR C 45 -18.71 24.18 -20.88
C THR C 45 -18.04 25.53 -21.26
N ILE C 46 -18.87 26.49 -21.68
CA ILE C 46 -18.50 27.89 -21.79
C ILE C 46 -19.24 28.69 -20.70
N GLY C 47 -18.62 29.74 -20.17
CA GLY C 47 -19.23 30.53 -19.11
C GLY C 47 -18.77 30.13 -17.72
N THR C 48 -19.36 30.79 -16.72
CA THR C 48 -19.05 30.50 -15.32
C THR C 48 -19.20 28.98 -15.09
N LEU C 49 -18.10 28.37 -14.64
CA LEU C 49 -18.07 26.96 -14.36
C LEU C 49 -19.03 26.69 -13.20
N THR C 50 -19.86 25.66 -13.39
CA THR C 50 -20.79 25.17 -12.40
C THR C 50 -20.67 23.66 -12.34
N ALA C 51 -20.47 23.13 -11.14
CA ALA C 51 -20.47 21.69 -10.90
C ALA C 51 -21.71 21.00 -11.52
N SER C 52 -22.87 21.63 -11.38
CA SER C 52 -24.12 20.99 -11.83
C SER C 52 -24.22 20.78 -13.37
N LEU C 53 -23.32 21.40 -14.13
CA LEU C 53 -23.33 21.27 -15.59
C LEU C 53 -22.28 20.27 -16.11
N ILE C 54 -21.51 19.67 -15.22
CA ILE C 54 -20.62 18.60 -15.60
C ILE C 54 -21.32 17.25 -15.52
N HIS C 55 -21.49 16.59 -16.67
CA HIS C 55 -22.12 15.28 -16.70
C HIS C 55 -21.04 14.26 -17.06
N PRO C 56 -20.59 13.45 -16.08
CA PRO C 56 -19.54 12.45 -16.33
C PRO C 56 -19.89 11.50 -17.47
N ARG C 57 -21.19 11.26 -17.59
CA ARG C 57 -21.68 10.37 -18.62
C ARG C 57 -21.31 10.87 -20.00
N GLU C 58 -21.26 12.19 -20.16
CA GLU C 58 -20.88 12.78 -21.44
C GLU C 58 -19.37 12.84 -21.63
N ILE C 59 -18.67 13.23 -20.58
CA ILE C 59 -17.21 13.36 -20.61
C ILE C 59 -16.49 12.01 -20.89
N PHE C 60 -16.96 10.96 -20.24
CA PHE C 60 -16.34 9.68 -20.36
C PHE C 60 -16.76 8.89 -21.61
N LYS C 61 -17.94 9.17 -22.15
CA LYS C 61 -18.34 8.65 -23.45
C LYS C 61 -17.39 9.09 -24.53
N ALA C 62 -17.00 10.35 -24.47
CA ALA C 62 -16.09 10.91 -25.44
C ALA C 62 -14.70 10.30 -25.24
N ALA C 63 -14.27 10.12 -24.00
CA ALA C 63 -12.98 9.48 -23.72
C ALA C 63 -12.93 8.06 -24.22
N ILE C 64 -13.98 7.29 -23.99
CA ILE C 64 -14.06 5.92 -24.46
C ILE C 64 -14.04 5.87 -26.01
N ARG C 65 -14.81 6.76 -26.65
CA ARG C 65 -14.80 6.89 -28.12
C ARG C 65 -13.44 7.28 -28.72
N GLU C 66 -12.68 8.05 -27.97
CA GLU C 66 -11.34 8.45 -28.39
C GLU C 66 -10.25 7.44 -27.96
N SER C 67 -10.65 6.28 -27.46
CA SER C 67 -9.73 5.30 -26.88
C SER C 67 -8.75 5.95 -25.89
N ALA C 68 -9.21 6.91 -25.09
CA ALA C 68 -8.31 7.58 -24.11
C ALA C 68 -7.90 6.62 -22.98
N HIS C 69 -6.63 6.66 -22.61
CA HIS C 69 -6.18 5.99 -21.42
C HIS C 69 -6.42 6.84 -20.17
N SER C 70 -6.19 8.14 -20.31
CA SER C 70 -6.44 9.10 -19.22
C SER C 70 -6.92 10.45 -19.76
N ILE C 71 -7.41 11.29 -18.85
CA ILE C 71 -7.83 12.66 -19.21
C ILE C 71 -7.14 13.75 -18.34
N ILE C 72 -6.96 14.94 -18.91
CA ILE C 72 -6.57 16.14 -18.20
C ILE C 72 -7.69 17.20 -18.47
N LEU C 73 -8.02 17.94 -17.46
CA LEU C 73 -9.04 18.95 -17.47
C LEU C 73 -8.32 20.28 -17.55
N VAL C 74 -8.82 21.18 -18.41
CA VAL C 74 -8.27 22.52 -18.53
C VAL C 74 -9.44 23.51 -18.46
N HIS C 75 -9.24 24.55 -17.67
CA HIS C 75 -10.22 25.59 -17.43
C HIS C 75 -9.48 26.89 -17.68
N ASN C 76 -9.97 27.73 -18.58
CA ASN C 76 -9.37 29.07 -18.79
C ASN C 76 -10.18 30.23 -18.22
N HIS C 77 -9.44 31.23 -17.75
CA HIS C 77 -10.02 32.52 -17.39
C HIS C 77 -9.46 33.64 -18.25
N PRO C 78 -10.35 34.30 -19.03
CA PRO C 78 -9.98 35.56 -19.68
C PRO C 78 -9.31 36.58 -18.73
N SER C 79 -9.73 36.61 -17.46
CA SER C 79 -9.11 37.51 -16.45
C SER C 79 -7.64 37.24 -16.24
N GLY C 80 -7.23 36.00 -16.50
CA GLY C 80 -5.85 35.58 -16.34
C GLY C 80 -5.50 35.13 -14.94
N ASP C 81 -6.46 35.24 -14.02
CA ASP C 81 -6.28 34.80 -12.63
C ASP C 81 -6.53 33.29 -12.60
N VAL C 82 -5.65 32.57 -11.92
CA VAL C 82 -5.64 31.11 -11.99
C VAL C 82 -5.84 30.45 -10.63
N GLN C 83 -6.42 31.17 -9.68
CA GLN C 83 -6.76 30.61 -8.38
C GLN C 83 -7.90 29.64 -8.59
N PRO C 84 -7.86 28.46 -7.93
CA PRO C 84 -9.00 27.56 -8.07
C PRO C 84 -10.21 28.04 -7.26
N SER C 85 -11.41 27.88 -7.80
CA SER C 85 -12.66 28.21 -7.13
C SER C 85 -13.18 26.93 -6.49
N ASN C 86 -14.19 27.09 -5.63
CA ASN C 86 -14.86 25.93 -5.06
C ASN C 86 -15.47 25.04 -6.17
N ALA C 87 -15.96 25.65 -7.23
CA ALA C 87 -16.49 24.90 -8.37
C ALA C 87 -15.40 24.11 -9.09
N ASP C 88 -14.20 24.67 -9.25
CA ASP C 88 -13.08 23.92 -9.78
C ASP C 88 -12.86 22.66 -8.98
N LYS C 89 -12.91 22.81 -7.66
CA LYS C 89 -12.70 21.73 -6.73
C LYS C 89 -13.76 20.65 -6.76
N GLN C 90 -15.04 21.03 -6.78
CA GLN C 90 -16.16 20.07 -6.84
C GLN C 90 -16.10 19.26 -8.13
N VAL C 91 -15.96 19.93 -9.27
CA VAL C 91 -15.77 19.28 -10.58
C VAL C 91 -14.55 18.33 -10.61
N THR C 92 -13.45 18.76 -9.99
CA THR C 92 -12.25 17.96 -9.94
C THR C 92 -12.52 16.64 -9.18
N SER C 93 -13.11 16.76 -8.00
CA SER C 93 -13.45 15.64 -7.13
C SER C 93 -14.38 14.62 -7.81
N ILE C 94 -15.41 15.12 -8.47
CA ILE C 94 -16.35 14.30 -9.22
C ILE C 94 -15.65 13.51 -10.33
N LEU C 95 -14.91 14.20 -11.18
CA LEU C 95 -14.29 13.55 -12.31
C LEU C 95 -13.13 12.64 -11.90
N LYS C 96 -12.42 13.02 -10.84
CA LYS C 96 -11.37 12.18 -10.28
C LYS C 96 -11.95 10.80 -9.81
N LYS C 97 -13.07 10.83 -9.12
CA LYS C 97 -13.65 9.61 -8.61
C LYS C 97 -14.28 8.80 -9.72
N ALA C 98 -14.97 9.47 -10.63
CA ALA C 98 -15.52 8.82 -11.81
C ALA C 98 -14.40 8.16 -12.64
N GLY C 99 -13.27 8.84 -12.80
CA GLY C 99 -12.14 8.32 -13.55
C GLY C 99 -11.46 7.12 -12.90
N ASP C 100 -11.50 7.06 -11.58
CA ASP C 100 -10.90 5.98 -10.84
C ASP C 100 -11.78 4.72 -10.97
N LEU C 101 -13.11 4.85 -10.75
CA LEU C 101 -14.08 3.77 -11.04
C LEU C 101 -13.92 3.21 -12.46
N LEU C 102 -13.82 4.09 -13.46
CA LEU C 102 -13.77 3.69 -14.86
C LEU C 102 -12.39 3.38 -15.36
N GLN C 103 -11.38 3.60 -14.53
CA GLN C 103 -9.99 3.40 -14.93
C GLN C 103 -9.58 4.22 -16.15
N ILE C 104 -10.13 5.43 -16.27
CA ILE C 104 -9.67 6.46 -17.20
C ILE C 104 -9.33 7.58 -16.25
N GLU C 105 -8.07 7.63 -15.88
CA GLU C 105 -7.60 8.46 -14.79
C GLU C 105 -7.59 9.95 -15.13
N LEU C 106 -8.06 10.77 -14.19
CA LEU C 106 -7.86 12.24 -14.21
C LEU C 106 -6.45 12.52 -13.74
N LEU C 107 -5.55 12.79 -14.66
CA LEU C 107 -4.17 13.01 -14.31
C LEU C 107 -3.91 14.39 -13.67
N ASP C 108 -4.66 15.40 -14.11
CA ASP C 108 -4.54 16.71 -13.54
C ASP C 108 -5.71 17.58 -14.00
N HIS C 109 -5.80 18.71 -13.35
CA HIS C 109 -6.69 19.78 -13.70
C HIS C 109 -5.86 21.03 -13.67
N VAL C 110 -5.76 21.68 -14.82
CA VAL C 110 -4.89 22.83 -14.96
C VAL C 110 -5.77 24.00 -15.34
N ILE C 111 -5.68 25.07 -14.55
CA ILE C 111 -6.31 26.34 -14.84
C ILE C 111 -5.23 27.17 -15.54
N VAL C 112 -5.54 27.63 -16.75
CA VAL C 112 -4.61 28.46 -17.51
C VAL C 112 -5.15 29.90 -17.62
N GLY C 113 -4.25 30.85 -17.39
CA GLY C 113 -4.54 32.24 -17.59
C GLY C 113 -3.63 32.74 -18.69
N ASN C 114 -3.24 34.00 -18.54
CA ASN C 114 -2.47 34.72 -19.54
C ASN C 114 -1.09 34.14 -19.69
N ASN C 115 -0.24 34.32 -18.70
CA ASN C 115 1.05 33.63 -18.78
C ASN C 115 1.29 32.86 -17.51
N ASP C 116 0.20 32.36 -16.96
CA ASP C 116 0.18 31.72 -15.68
C ASP C 116 -0.69 30.47 -15.78
N TRP C 117 -0.44 29.53 -14.90
CA TRP C 117 -1.22 28.33 -14.82
C TRP C 117 -1.17 27.82 -13.39
N PHE C 118 -2.13 27.00 -13.02
CA PHE C 118 -2.24 26.38 -11.73
C PHE C 118 -2.57 24.92 -11.91
N SER C 119 -1.67 24.06 -11.45
CA SER C 119 -1.87 22.62 -11.46
C SER C 119 -2.41 22.14 -10.11
N PHE C 120 -3.54 21.42 -10.14
CA PHE C 120 -4.11 20.78 -8.96
C PHE C 120 -3.20 19.69 -8.42
N ARG C 121 -2.66 18.86 -9.31
CA ARG C 121 -1.71 17.86 -8.88
C ARG C 121 -0.49 18.42 -8.17
N ASP C 122 0.16 19.43 -8.75
CA ASP C 122 1.35 20.06 -8.14
C ASP C 122 1.05 20.77 -6.79
N HIS C 123 -0.20 21.04 -6.53
CA HIS C 123 -0.57 21.58 -5.24
C HIS C 123 -1.09 20.55 -4.35
N ALA C 124 -1.02 19.28 -4.77
CA ALA C 124 -1.37 18.14 -3.96
C ALA C 124 -2.84 18.20 -3.54
N LEU C 125 -3.67 18.66 -4.47
CA LEU C 125 -5.10 18.90 -4.28
C LEU C 125 -5.95 17.98 -5.16
N LEU C 126 -5.32 17.05 -5.85
CA LEU C 126 -6.04 16.29 -6.82
C LEU C 126 -6.48 15.01 -6.14
N LYS D 4 23.58 -30.07 26.16
CA LYS D 4 24.30 -29.66 24.92
C LYS D 4 23.60 -30.22 23.69
N VAL D 5 23.05 -29.36 22.85
CA VAL D 5 22.24 -29.79 21.72
C VAL D 5 23.14 -30.31 20.60
N LYS D 6 23.10 -31.62 20.36
CA LYS D 6 23.77 -32.25 19.21
C LYS D 6 22.83 -32.29 18.00
N GLY D 7 21.53 -32.30 18.26
CA GLY D 7 20.55 -32.45 17.21
C GLY D 7 19.15 -32.17 17.70
N ALA D 8 18.17 -32.32 16.80
CA ALA D 8 16.78 -31.98 17.12
C ALA D 8 16.18 -32.95 18.14
N ARG D 9 16.79 -34.14 18.27
CA ARG D 9 16.40 -35.12 19.28
C ARG D 9 16.59 -34.58 20.70
N ASP D 10 17.68 -33.86 20.95
CA ASP D 10 17.85 -33.12 22.22
C ASP D 10 16.81 -32.01 22.45
N VAL D 11 16.37 -31.34 21.39
CA VAL D 11 15.29 -30.33 21.51
C VAL D 11 13.94 -30.99 21.81
N PHE D 12 13.64 -32.07 21.08
CA PHE D 12 12.46 -32.91 21.37
C PHE D 12 12.42 -33.39 22.82
N GLU D 13 13.57 -33.81 23.33
CA GLU D 13 13.69 -34.28 24.69
C GLU D 13 13.58 -33.15 25.75
N TYR D 14 14.06 -31.95 25.40
CA TYR D 14 14.06 -30.83 26.32
C TYR D 14 12.63 -30.37 26.47
N MET D 15 11.88 -30.44 25.40
CA MET D 15 10.52 -29.90 25.41
C MET D 15 9.52 -30.74 26.18
N LYS D 16 9.91 -31.99 26.48
CA LYS D 16 9.08 -32.91 27.29
C LYS D 16 8.84 -32.34 28.69
N GLY D 17 7.57 -32.07 29.00
CA GLY D 17 7.17 -31.47 30.27
C GLY D 17 7.16 -29.95 30.31
N ARG D 18 7.68 -29.31 29.25
CA ARG D 18 7.89 -27.87 29.26
C ARG D 18 6.82 -27.10 28.49
N ILE D 19 5.79 -27.82 28.02
CA ILE D 19 4.64 -27.23 27.36
C ILE D 19 3.58 -26.95 28.42
N PRO D 20 3.30 -25.65 28.72
CA PRO D 20 2.40 -25.35 29.85
C PRO D 20 1.05 -26.08 29.78
N ASP D 21 0.52 -26.23 28.56
CA ASP D 21 -0.80 -26.82 28.32
C ASP D 21 -0.76 -27.43 26.95
N GLU D 22 -0.61 -28.75 26.85
CA GLU D 22 -0.39 -29.42 25.54
C GLU D 22 -1.49 -29.24 24.49
N THR D 23 -2.70 -28.96 24.95
CA THR D 23 -3.85 -28.75 24.07
C THR D 23 -3.87 -27.33 23.43
N LYS D 24 -3.06 -26.43 23.98
CA LYS D 24 -2.90 -25.07 23.44
C LYS D 24 -1.62 -24.91 22.58
N GLU D 25 -1.66 -23.97 21.65
CA GLU D 25 -0.51 -23.69 20.79
C GLU D 25 0.42 -22.66 21.43
N HIS D 26 1.72 -22.90 21.34
CA HIS D 26 2.72 -21.97 21.85
C HIS D 26 3.87 -21.87 20.87
N LEU D 27 4.59 -20.76 20.97
CA LEU D 27 5.86 -20.61 20.29
C LEU D 27 6.91 -20.58 21.39
N PHE D 28 8.02 -21.29 21.20
CA PHE D 28 9.09 -21.34 22.18
C PHE D 28 10.34 -20.84 21.51
N VAL D 29 11.13 -20.06 22.24
CA VAL D 29 12.43 -19.64 21.76
C VAL D 29 13.45 -20.18 22.73
N LEU D 30 14.29 -21.10 22.28
CA LEU D 30 15.36 -21.60 23.08
C LEU D 30 16.61 -20.79 22.80
N PHE D 31 17.21 -20.23 23.85
CA PHE D 31 18.39 -19.39 23.74
C PHE D 31 19.59 -20.27 23.99
N LEU D 32 20.53 -20.31 23.03
CA LEU D 32 21.70 -21.19 23.15
C LEU D 32 22.99 -20.40 23.33
N SER D 33 23.83 -20.91 24.21
CA SER D 33 25.18 -20.38 24.40
C SER D 33 26.06 -20.72 23.20
N THR D 34 27.29 -20.21 23.26
CA THR D 34 28.30 -20.45 22.22
C THR D 34 28.75 -21.91 22.14
N LYS D 35 28.56 -22.64 23.23
CA LYS D 35 28.78 -24.10 23.29
C LYS D 35 27.50 -24.95 23.10
N ASN D 36 26.43 -24.32 22.58
CA ASN D 36 25.15 -25.00 22.25
C ASN D 36 24.36 -25.58 23.44
N GLN D 37 24.54 -24.96 24.61
CA GLN D 37 23.67 -25.23 25.76
C GLN D 37 22.45 -24.31 25.74
N ILE D 38 21.28 -24.89 26.02
CA ILE D 38 20.06 -24.12 26.17
C ILE D 38 20.13 -23.33 27.48
N LEU D 39 20.54 -22.07 27.39
CA LEU D 39 20.57 -21.19 28.55
C LEU D 39 19.21 -21.22 29.23
N ARG D 40 18.18 -20.88 28.46
CA ARG D 40 16.80 -20.99 28.92
C ARG D 40 15.89 -20.85 27.69
N HIS D 41 14.59 -20.77 27.91
CA HIS D 41 13.67 -20.58 26.84
C HIS D 41 12.59 -19.59 27.20
N GLU D 42 12.00 -19.00 26.18
CA GLU D 42 10.87 -18.12 26.31
C GLU D 42 9.68 -18.84 25.73
N THR D 43 8.51 -18.71 26.36
CA THR D 43 7.29 -19.35 25.92
C THR D 43 6.29 -18.26 25.56
N ILE D 44 5.75 -18.29 24.35
CA ILE D 44 4.69 -17.37 23.95
C ILE D 44 3.41 -18.11 23.56
N THR D 45 2.34 -17.81 24.27
CA THR D 45 1.01 -18.35 23.97
C THR D 45 0.37 -17.58 22.78
N ILE D 46 -0.16 -18.31 21.82
CA ILE D 46 -0.50 -17.72 20.53
C ILE D 46 -1.92 -18.01 19.98
N GLY D 47 -2.36 -17.12 19.09
CA GLY D 47 -3.60 -17.25 18.38
C GLY D 47 -3.70 -16.21 17.29
N THR D 48 -4.91 -15.95 16.85
CA THR D 48 -5.15 -15.03 15.73
C THR D 48 -4.66 -13.59 15.96
N LEU D 49 -4.50 -13.20 17.24
CA LEU D 49 -4.26 -11.81 17.59
C LEU D 49 -2.86 -11.54 18.14
N THR D 50 -1.98 -12.54 18.08
CA THR D 50 -0.63 -12.41 18.65
C THR D 50 0.52 -12.19 17.64
N ALA D 51 0.22 -11.70 16.42
CA ALA D 51 1.26 -11.49 15.41
C ALA D 51 2.43 -10.64 15.92
N SER D 52 2.13 -9.56 16.63
CA SER D 52 3.19 -8.65 17.08
C SER D 52 4.02 -9.27 18.18
N LEU D 53 3.45 -10.22 18.91
CA LEU D 53 4.21 -10.86 19.98
C LEU D 53 5.30 -11.78 19.42
N ILE D 54 5.03 -12.37 18.26
CA ILE D 54 5.98 -13.31 17.62
C ILE D 54 6.75 -12.75 16.41
N HIS D 55 6.53 -11.50 16.06
CA HIS D 55 7.39 -10.79 15.07
C HIS D 55 8.88 -11.09 15.30
N PRO D 56 9.64 -11.32 14.21
CA PRO D 56 11.08 -11.55 14.29
C PRO D 56 11.86 -10.61 15.23
N ARG D 57 11.45 -9.35 15.31
CA ARG D 57 12.12 -8.36 16.14
C ARG D 57 11.92 -8.60 17.63
N GLU D 58 10.74 -9.09 17.99
CA GLU D 58 10.46 -9.41 19.39
C GLU D 58 11.28 -10.62 19.78
N ILE D 59 11.32 -11.62 18.91
CA ILE D 59 12.11 -12.83 19.16
C ILE D 59 13.58 -12.47 19.33
N PHE D 60 14.11 -11.60 18.47
CA PHE D 60 15.51 -11.29 18.51
C PHE D 60 15.91 -10.28 19.60
N LYS D 61 15.00 -9.42 20.01
CA LYS D 61 15.20 -8.63 21.22
C LYS D 61 15.29 -9.50 22.43
N ALA D 62 14.45 -10.54 22.50
CA ALA D 62 14.56 -11.51 23.58
C ALA D 62 15.92 -12.18 23.51
N ALA D 63 16.31 -12.61 22.31
CA ALA D 63 17.66 -13.21 22.07
C ALA D 63 18.79 -12.24 22.44
N ILE D 64 18.64 -10.96 22.06
CA ILE D 64 19.64 -9.93 22.42
C ILE D 64 19.66 -9.72 23.94
N ARG D 65 18.49 -9.64 24.55
CA ARG D 65 18.36 -9.43 26.00
C ARG D 65 19.02 -10.56 26.80
N GLU D 66 18.94 -11.79 26.28
CA GLU D 66 19.50 -12.97 26.94
C GLU D 66 20.96 -13.22 26.58
N SER D 67 21.57 -12.33 25.81
CA SER D 67 22.94 -12.56 25.37
C SER D 67 23.14 -13.92 24.66
N ALA D 68 22.09 -14.39 23.99
CA ALA D 68 22.09 -15.69 23.32
C ALA D 68 23.01 -15.62 22.09
N HIS D 69 23.83 -16.65 21.89
CA HIS D 69 24.68 -16.70 20.69
C HIS D 69 23.86 -17.12 19.48
N SER D 70 23.00 -18.13 19.64
CA SER D 70 22.05 -18.48 18.60
C SER D 70 20.72 -18.83 19.24
N ILE D 71 19.74 -19.25 18.44
CA ILE D 71 18.43 -19.63 18.94
C ILE D 71 17.89 -20.87 18.19
N ILE D 72 16.89 -21.52 18.77
CA ILE D 72 16.14 -22.56 18.13
C ILE D 72 14.67 -22.24 18.39
N LEU D 73 13.87 -22.27 17.32
CA LEU D 73 12.45 -22.06 17.37
C LEU D 73 11.67 -23.38 17.50
N VAL D 74 10.65 -23.39 18.35
CA VAL D 74 9.80 -24.57 18.51
C VAL D 74 8.34 -24.15 18.57
N HIS D 75 7.51 -24.89 17.85
CA HIS D 75 6.07 -24.81 18.02
C HIS D 75 5.67 -26.17 18.52
N ASN D 76 4.67 -26.22 19.41
CA ASN D 76 3.98 -27.48 19.67
C ASN D 76 2.72 -27.54 18.83
N HIS D 77 2.42 -28.73 18.31
CA HIS D 77 1.18 -28.99 17.57
C HIS D 77 0.28 -29.88 18.40
N PRO D 78 -0.76 -29.30 19.05
CA PRO D 78 -1.73 -30.04 19.89
C PRO D 78 -2.42 -31.19 19.20
N SER D 79 -2.93 -30.98 17.98
CA SER D 79 -3.56 -32.05 17.20
C SER D 79 -2.66 -33.29 17.00
N GLY D 80 -1.35 -33.07 16.95
CA GLY D 80 -0.40 -34.18 17.01
C GLY D 80 0.33 -34.55 15.73
N ASP D 81 0.06 -33.89 14.61
CA ASP D 81 0.93 -34.08 13.44
C ASP D 81 1.97 -32.97 13.36
N VAL D 82 3.23 -33.35 13.16
CA VAL D 82 4.36 -32.40 13.22
C VAL D 82 4.87 -31.91 11.85
N GLN D 83 4.04 -32.04 10.82
CA GLN D 83 4.44 -31.67 9.46
C GLN D 83 4.06 -30.20 9.19
N PRO D 84 5.04 -29.36 8.78
CA PRO D 84 4.79 -27.89 8.70
C PRO D 84 3.86 -27.44 7.58
N SER D 85 3.02 -26.44 7.85
CA SER D 85 2.25 -25.80 6.79
C SER D 85 3.14 -24.96 5.87
N ASN D 86 2.56 -24.29 4.88
CA ASN D 86 3.34 -23.44 3.99
C ASN D 86 3.64 -22.10 4.69
N ALA D 87 2.65 -21.62 5.44
CA ALA D 87 2.82 -20.53 6.42
C ALA D 87 3.95 -20.81 7.43
N ASP D 88 4.02 -22.02 7.96
CA ASP D 88 5.15 -22.38 8.84
C ASP D 88 6.48 -22.17 8.12
N LYS D 89 6.58 -22.64 6.88
CA LYS D 89 7.79 -22.47 6.06
C LYS D 89 8.13 -21.00 5.85
N GLN D 90 7.11 -20.18 5.60
CA GLN D 90 7.31 -18.75 5.36
C GLN D 90 7.89 -18.02 6.58
N VAL D 91 7.30 -18.26 7.75
CA VAL D 91 7.78 -17.75 9.04
C VAL D 91 9.25 -18.08 9.28
N THR D 92 9.59 -19.35 9.17
CA THR D 92 10.95 -19.77 9.51
C THR D 92 11.99 -19.11 8.59
N SER D 93 11.69 -18.95 7.30
CA SER D 93 12.64 -18.35 6.38
C SER D 93 12.79 -16.82 6.65
N ILE D 94 11.68 -16.15 6.95
CA ILE D 94 11.71 -14.73 7.37
C ILE D 94 12.54 -14.54 8.64
N LEU D 95 12.40 -15.48 9.59
CA LEU D 95 13.15 -15.45 10.85
C LEU D 95 14.61 -15.73 10.64
N LYS D 96 14.90 -16.70 9.78
CA LYS D 96 16.29 -17.05 9.50
C LYS D 96 16.99 -15.82 8.88
N LYS D 97 16.29 -15.20 7.94
CA LYS D 97 16.75 -13.99 7.28
C LYS D 97 17.05 -12.88 8.29
N ALA D 98 16.21 -12.70 9.31
CA ALA D 98 16.47 -11.71 10.37
C ALA D 98 17.65 -12.09 11.29
N GLY D 99 17.82 -13.37 11.57
CA GLY D 99 18.95 -13.81 12.39
C GLY D 99 20.29 -13.57 11.73
N ASP D 100 20.32 -13.77 10.41
CA ASP D 100 21.48 -13.38 9.60
C ASP D 100 21.84 -11.90 9.72
N LEU D 101 20.88 -10.99 9.58
CA LEU D 101 21.12 -9.56 9.79
C LEU D 101 21.82 -9.29 11.15
N LEU D 102 21.27 -9.88 12.20
CA LEU D 102 21.71 -9.60 13.56
C LEU D 102 22.92 -10.41 13.98
N GLN D 103 23.31 -11.35 13.10
CA GLN D 103 24.37 -12.32 13.37
C GLN D 103 24.08 -13.16 14.62
N ILE D 104 22.80 -13.49 14.77
CA ILE D 104 22.31 -14.44 15.75
C ILE D 104 21.59 -15.55 14.97
N GLU D 105 22.20 -16.71 14.88
CA GLU D 105 21.77 -17.72 13.92
C GLU D 105 20.53 -18.46 14.41
N LEU D 106 19.56 -18.62 13.52
CA LEU D 106 18.46 -19.53 13.74
C LEU D 106 19.02 -20.90 13.43
N LEU D 107 19.29 -21.67 14.46
CA LEU D 107 20.03 -22.90 14.28
C LEU D 107 19.08 -24.01 13.77
N ASP D 108 17.82 -23.95 14.20
CA ASP D 108 16.83 -24.88 13.73
C ASP D 108 15.44 -24.38 14.08
N HIS D 109 14.45 -24.94 13.41
CA HIS D 109 13.05 -24.82 13.77
C HIS D 109 12.61 -26.29 13.96
N VAL D 110 12.12 -26.61 15.16
CA VAL D 110 11.56 -27.92 15.46
C VAL D 110 10.05 -27.79 15.78
N ILE D 111 9.21 -28.56 15.09
CA ILE D 111 7.83 -28.69 15.48
C ILE D 111 7.72 -29.97 16.34
N VAL D 112 7.00 -29.90 17.47
CA VAL D 112 6.78 -31.05 18.34
C VAL D 112 5.29 -31.30 18.59
N GLY D 113 4.92 -32.57 18.78
CA GLY D 113 3.57 -32.98 19.17
C GLY D 113 3.52 -34.31 19.92
N ASN D 114 2.93 -35.33 19.31
CA ASN D 114 2.67 -36.63 19.99
C ASN D 114 3.92 -37.35 20.56
N ASN D 115 4.66 -38.02 19.69
CA ASN D 115 5.95 -38.68 20.02
C ASN D 115 6.75 -38.43 18.77
N ASP D 116 6.70 -37.17 18.36
CA ASP D 116 7.07 -36.80 17.01
C ASP D 116 7.62 -35.39 16.96
N TRP D 117 8.71 -35.25 16.23
CA TRP D 117 9.28 -33.96 15.91
C TRP D 117 9.50 -33.90 14.42
N PHE D 118 9.51 -32.67 13.91
CA PHE D 118 10.03 -32.37 12.58
C PHE D 118 11.09 -31.28 12.68
N SER D 119 12.24 -31.49 12.06
CA SER D 119 13.39 -30.58 12.13
C SER D 119 13.72 -29.92 10.77
N PHE D 120 13.47 -28.62 10.65
CA PHE D 120 13.77 -27.91 9.41
C PHE D 120 15.22 -28.15 9.01
N ARG D 121 16.14 -27.98 9.94
CA ARG D 121 17.56 -28.16 9.67
C ARG D 121 17.85 -29.58 9.14
N ASP D 122 17.19 -30.59 9.68
CA ASP D 122 17.40 -31.96 9.19
C ASP D 122 16.72 -32.26 7.83
N HIS D 123 15.73 -31.45 7.45
CA HIS D 123 15.12 -31.55 6.12
C HIS D 123 15.72 -30.52 5.15
N ALA D 124 16.99 -30.15 5.41
CA ALA D 124 17.73 -29.17 4.64
C ALA D 124 16.97 -27.89 4.27
N LEU D 125 15.99 -27.49 5.10
CA LEU D 125 15.21 -26.27 4.87
C LEU D 125 15.90 -25.12 5.59
N LEU E 3 -15.03 -21.10 -26.86
CA LEU E 3 -16.07 -21.25 -25.76
C LEU E 3 -15.93 -20.07 -24.80
N LYS E 4 -17.06 -19.62 -24.24
CA LYS E 4 -17.04 -18.65 -23.12
C LYS E 4 -17.03 -19.42 -21.80
N VAL E 5 -16.04 -19.11 -20.97
CA VAL E 5 -15.88 -19.71 -19.69
C VAL E 5 -16.67 -18.89 -18.66
N LYS E 6 -17.64 -19.56 -18.03
CA LYS E 6 -18.44 -19.02 -16.92
C LYS E 6 -17.97 -19.61 -15.60
N GLY E 7 -17.59 -20.88 -15.62
CA GLY E 7 -17.07 -21.59 -14.45
C GLY E 7 -16.07 -22.68 -14.78
N ALA E 8 -15.57 -23.35 -13.75
CA ALA E 8 -14.55 -24.41 -13.89
C ALA E 8 -15.03 -25.56 -14.77
N ARG E 9 -16.35 -25.76 -14.82
CA ARG E 9 -16.93 -26.79 -15.64
C ARG E 9 -16.71 -26.58 -17.14
N ASP E 10 -16.78 -25.33 -17.56
CA ASP E 10 -16.47 -24.93 -18.93
C ASP E 10 -15.00 -25.20 -19.30
N VAL E 11 -14.10 -25.02 -18.34
CA VAL E 11 -12.68 -25.30 -18.52
C VAL E 11 -12.48 -26.78 -18.77
N PHE E 12 -13.13 -27.59 -17.95
CA PHE E 12 -13.19 -29.03 -18.17
C PHE E 12 -13.78 -29.42 -19.55
N GLU E 13 -14.96 -28.90 -19.90
CA GLU E 13 -15.52 -29.20 -21.22
C GLU E 13 -14.55 -28.85 -22.37
N TYR E 14 -13.87 -27.71 -22.23
CA TYR E 14 -13.00 -27.23 -23.27
C TYR E 14 -11.77 -28.14 -23.42
N MET E 15 -11.16 -28.52 -22.30
CA MET E 15 -9.97 -29.34 -22.32
C MET E 15 -10.19 -30.78 -22.79
N LYS E 16 -11.44 -31.22 -22.85
CA LYS E 16 -11.74 -32.60 -23.21
C LYS E 16 -11.63 -32.75 -24.71
N GLY E 17 -10.71 -33.61 -25.13
CA GLY E 17 -10.34 -33.76 -26.53
C GLY E 17 -9.09 -32.99 -26.90
N ARG E 18 -8.56 -32.21 -25.95
CA ARG E 18 -7.46 -31.31 -26.22
C ARG E 18 -6.19 -31.63 -25.46
N ILE E 19 -6.18 -32.71 -24.70
CA ILE E 19 -4.96 -33.21 -24.08
C ILE E 19 -4.22 -34.01 -25.16
N PRO E 20 -2.99 -33.58 -25.53
CA PRO E 20 -2.29 -34.26 -26.63
C PRO E 20 -1.97 -35.74 -26.37
N ASP E 21 -1.47 -36.04 -25.17
CA ASP E 21 -1.24 -37.43 -24.77
C ASP E 21 -1.83 -37.66 -23.38
N GLU E 22 -2.96 -38.36 -23.32
CA GLU E 22 -3.60 -38.63 -22.01
C GLU E 22 -2.71 -39.43 -21.05
N THR E 23 -1.77 -40.21 -21.60
CA THR E 23 -0.88 -41.01 -20.77
C THR E 23 0.14 -40.13 -20.05
N LYS E 24 0.31 -38.90 -20.53
CA LYS E 24 1.22 -37.93 -19.93
C LYS E 24 0.52 -36.77 -19.18
N GLU E 25 1.27 -36.24 -18.22
CA GLU E 25 0.89 -35.08 -17.43
C GLU E 25 1.29 -33.84 -18.21
N HIS E 26 0.51 -32.77 -18.13
CA HIS E 26 0.84 -31.49 -18.79
C HIS E 26 0.33 -30.31 -17.94
N LEU E 27 0.96 -29.15 -18.11
CA LEU E 27 0.40 -27.89 -17.68
C LEU E 27 0.00 -27.11 -18.94
N PHE E 28 -1.21 -26.53 -18.95
CA PHE E 28 -1.74 -25.65 -20.00
C PHE E 28 -2.10 -24.28 -19.45
N VAL E 29 -2.00 -23.25 -20.30
CA VAL E 29 -2.54 -21.92 -20.01
C VAL E 29 -3.60 -21.66 -21.04
N LEU E 30 -4.72 -21.09 -20.59
CA LEU E 30 -5.80 -20.61 -21.47
C LEU E 30 -5.76 -19.10 -21.43
N PHE E 31 -5.85 -18.44 -22.57
CA PHE E 31 -5.76 -16.98 -22.64
C PHE E 31 -7.15 -16.46 -22.93
N LEU E 32 -7.68 -15.56 -22.09
CA LEU E 32 -9.10 -15.23 -22.17
C LEU E 32 -9.31 -13.79 -22.61
N SER E 33 -10.41 -13.52 -23.30
CA SER E 33 -10.81 -12.16 -23.59
C SER E 33 -11.40 -11.46 -22.35
N THR E 34 -11.78 -10.20 -22.54
CA THR E 34 -12.41 -9.42 -21.50
C THR E 34 -13.79 -9.99 -21.21
N LYS E 35 -14.29 -10.88 -22.06
CA LYS E 35 -15.58 -11.48 -21.83
C LYS E 35 -15.50 -13.00 -21.69
N ASN E 36 -14.32 -13.48 -21.28
CA ASN E 36 -14.05 -14.85 -20.92
C ASN E 36 -14.11 -15.85 -22.08
N GLN E 37 -13.96 -15.36 -23.32
CA GLN E 37 -13.77 -16.25 -24.46
C GLN E 37 -12.34 -16.76 -24.41
N ILE E 38 -12.15 -18.05 -24.65
CA ILE E 38 -10.80 -18.59 -24.73
C ILE E 38 -10.30 -18.21 -26.12
N LEU E 39 -9.26 -17.39 -26.16
CA LEU E 39 -8.68 -16.94 -27.42
C LEU E 39 -7.70 -17.97 -27.95
N ARG E 40 -7.12 -18.73 -27.05
CA ARG E 40 -6.02 -19.62 -27.39
C ARG E 40 -5.69 -20.38 -26.12
N HIS E 41 -5.04 -21.52 -26.24
CA HIS E 41 -4.39 -22.17 -25.14
C HIS E 41 -3.06 -22.73 -25.63
N GLU E 42 -2.17 -23.05 -24.73
CA GLU E 42 -0.95 -23.72 -25.12
C GLU E 42 -0.36 -24.51 -23.97
N THR E 43 0.48 -25.48 -24.29
CA THR E 43 1.15 -26.27 -23.26
C THR E 43 2.34 -25.50 -22.72
N ILE E 44 2.47 -25.42 -21.39
CA ILE E 44 3.68 -24.87 -20.75
C ILE E 44 4.67 -26.01 -20.53
N THR E 45 4.28 -26.96 -19.68
CA THR E 45 5.12 -28.09 -19.27
C THR E 45 4.48 -29.38 -19.74
N ILE E 46 5.27 -30.44 -19.82
CA ILE E 46 4.73 -31.77 -20.11
C ILE E 46 4.98 -32.76 -18.96
N GLY E 47 6.20 -32.82 -18.43
CA GLY E 47 6.56 -33.89 -17.48
C GLY E 47 5.99 -33.71 -16.08
N THR E 48 6.83 -33.89 -15.07
CA THR E 48 6.42 -33.70 -13.69
C THR E 48 6.43 -32.20 -13.39
N LEU E 49 5.22 -31.64 -13.19
CA LEU E 49 5.06 -30.29 -12.70
C LEU E 49 6.09 -29.94 -11.63
N THR E 50 6.96 -28.97 -11.94
CA THR E 50 7.91 -28.42 -10.96
C THR E 50 7.86 -26.90 -10.96
N ALA E 51 7.77 -26.29 -9.78
CA ALA E 51 7.79 -24.82 -9.67
C ALA E 51 8.94 -24.13 -10.46
N SER E 52 10.12 -24.76 -10.47
CA SER E 52 11.31 -24.17 -11.10
C SER E 52 11.30 -24.13 -12.64
N LEU E 53 10.41 -24.89 -13.29
CA LEU E 53 10.31 -24.82 -14.75
C LEU E 53 9.17 -23.89 -15.22
N ILE E 54 8.51 -23.22 -14.28
CA ILE E 54 7.53 -22.16 -14.59
C ILE E 54 8.24 -20.81 -14.61
N HIS E 55 8.18 -20.15 -15.77
CA HIS E 55 8.75 -18.83 -15.91
C HIS E 55 7.62 -17.84 -16.26
N PRO E 56 7.25 -16.97 -15.31
CA PRO E 56 6.28 -15.89 -15.55
C PRO E 56 6.58 -15.08 -16.82
N ARG E 57 7.87 -14.79 -17.07
CA ARG E 57 8.34 -14.14 -18.30
C ARG E 57 7.75 -14.74 -19.61
N GLU E 58 7.62 -16.06 -19.65
CA GLU E 58 7.21 -16.76 -20.86
C GLU E 58 5.70 -16.83 -20.97
N ILE E 59 5.07 -17.09 -19.83
CA ILE E 59 3.62 -17.24 -19.76
C ILE E 59 2.96 -15.91 -20.08
N PHE E 60 3.46 -14.88 -19.44
CA PHE E 60 2.96 -13.55 -19.66
C PHE E 60 3.42 -12.89 -20.95
N LYS E 61 4.55 -13.30 -21.51
CA LYS E 61 4.85 -12.87 -22.89
C LYS E 61 3.79 -13.37 -23.89
N ALA E 62 3.42 -14.66 -23.79
CA ALA E 62 2.38 -15.23 -24.65
C ALA E 62 1.00 -14.59 -24.39
N ALA E 63 0.67 -14.32 -23.12
CA ALA E 63 -0.60 -13.63 -22.77
C ALA E 63 -0.66 -12.21 -23.33
N ILE E 64 0.44 -11.50 -23.20
CA ILE E 64 0.54 -10.15 -23.75
C ILE E 64 0.51 -10.12 -25.29
N ARG E 65 1.18 -11.07 -25.90
CA ARG E 65 1.10 -11.26 -27.34
C ARG E 65 -0.35 -11.59 -27.83
N GLU E 66 -1.12 -12.32 -27.02
CA GLU E 66 -2.54 -12.59 -27.31
C GLU E 66 -3.51 -11.48 -26.90
N SER E 67 -2.99 -10.41 -26.29
CA SER E 67 -3.81 -9.37 -25.70
C SER E 67 -4.84 -9.95 -24.71
N ALA E 68 -4.40 -10.93 -23.94
CA ALA E 68 -5.24 -11.66 -22.99
C ALA E 68 -5.63 -10.75 -21.83
N HIS E 69 -6.90 -10.76 -21.43
CA HIS E 69 -7.33 -10.04 -20.24
C HIS E 69 -7.00 -10.82 -18.95
N SER E 70 -7.11 -12.15 -19.06
CA SER E 70 -6.79 -13.07 -17.98
C SER E 70 -6.32 -14.45 -18.48
N ILE E 71 -5.83 -15.24 -17.54
CA ILE E 71 -5.38 -16.60 -17.84
C ILE E 71 -6.07 -17.60 -16.92
N ILE E 72 -6.22 -18.82 -17.41
CA ILE E 72 -6.59 -19.96 -16.57
C ILE E 72 -5.51 -21.03 -16.77
N LEU E 73 -5.04 -21.60 -15.66
CA LEU E 73 -4.16 -22.76 -15.66
C LEU E 73 -4.94 -24.07 -15.62
N VAL E 74 -4.42 -25.06 -16.33
CA VAL E 74 -4.96 -26.39 -16.36
C VAL E 74 -3.83 -27.43 -16.25
N HIS E 75 -4.00 -28.37 -15.32
CA HIS E 75 -3.07 -29.45 -15.02
C HIS E 75 -3.87 -30.74 -15.17
N ASN E 76 -3.41 -31.65 -16.02
CA ASN E 76 -4.01 -32.99 -16.08
C ASN E 76 -3.04 -34.04 -15.51
N HIS E 77 -3.58 -35.04 -14.82
CA HIS E 77 -2.84 -36.27 -14.48
C HIS E 77 -3.41 -37.47 -15.24
N PRO E 78 -2.53 -38.29 -15.82
CA PRO E 78 -2.98 -39.59 -16.38
C PRO E 78 -3.66 -40.47 -15.30
N SER E 79 -3.22 -40.32 -14.05
CA SER E 79 -3.78 -41.08 -12.92
C SER E 79 -5.25 -40.81 -12.60
N GLY E 80 -5.82 -39.77 -13.22
CA GLY E 80 -7.23 -39.42 -13.04
C GLY E 80 -7.47 -38.56 -11.81
N ASP E 81 -6.52 -38.57 -10.86
CA ASP E 81 -6.73 -37.87 -9.60
C ASP E 81 -6.65 -36.33 -9.80
N VAL E 82 -7.65 -35.66 -9.25
CA VAL E 82 -7.85 -34.25 -9.44
C VAL E 82 -7.42 -33.48 -8.20
N GLN E 83 -6.76 -34.15 -7.27
CA GLN E 83 -6.32 -33.49 -6.03
C GLN E 83 -5.05 -32.67 -6.26
N PRO E 84 -4.99 -31.46 -5.68
CA PRO E 84 -3.80 -30.61 -5.83
C PRO E 84 -2.59 -31.06 -4.99
N SER E 85 -1.45 -31.23 -5.67
CA SER E 85 -0.16 -31.40 -4.99
C SER E 85 0.33 -30.08 -4.43
N ASN E 86 1.48 -30.09 -3.77
CA ASN E 86 2.06 -28.84 -3.24
C ASN E 86 2.81 -28.06 -4.33
N ALA E 87 3.19 -28.78 -5.38
CA ALA E 87 3.76 -28.23 -6.60
C ALA E 87 2.71 -27.35 -7.32
N ASP E 88 1.49 -27.88 -7.43
CA ASP E 88 0.32 -27.14 -7.88
C ASP E 88 0.11 -25.81 -7.15
N LYS E 89 0.24 -25.82 -5.83
CA LYS E 89 -0.03 -24.67 -5.02
C LYS E 89 1.00 -23.59 -5.19
N GLN E 90 2.25 -23.99 -5.43
CA GLN E 90 3.30 -22.96 -5.56
C GLN E 90 3.33 -22.39 -6.95
N VAL E 91 3.09 -23.19 -7.99
CA VAL E 91 2.91 -22.58 -9.32
C VAL E 91 1.70 -21.63 -9.30
N THR E 92 0.59 -22.05 -8.69
CA THR E 92 -0.57 -21.17 -8.60
C THR E 92 -0.20 -19.87 -7.89
N SER E 93 0.67 -19.94 -6.89
CA SER E 93 1.01 -18.75 -6.13
C SER E 93 1.89 -17.78 -6.93
N ILE E 94 2.76 -18.34 -7.76
CA ILE E 94 3.70 -17.54 -8.55
C ILE E 94 2.92 -16.80 -9.64
N LEU E 95 2.08 -17.54 -10.35
CA LEU E 95 1.32 -16.96 -11.43
C LEU E 95 0.24 -16.00 -10.92
N LYS E 96 -0.29 -16.23 -9.72
CA LYS E 96 -1.38 -15.40 -9.22
C LYS E 96 -0.88 -14.01 -8.89
N LYS E 97 0.25 -13.94 -8.20
CA LYS E 97 0.83 -12.65 -7.80
C LYS E 97 1.47 -11.93 -8.99
N ALA E 98 2.16 -12.67 -9.85
CA ALA E 98 2.61 -12.17 -11.14
C ALA E 98 1.43 -11.58 -11.96
N GLY E 99 0.32 -12.27 -12.00
CA GLY E 99 -0.85 -11.75 -12.74
C GLY E 99 -1.51 -10.51 -12.18
N ASP E 100 -1.63 -10.43 -10.86
CA ASP E 100 -2.14 -9.23 -10.21
C ASP E 100 -1.22 -8.05 -10.53
N LEU E 101 0.09 -8.27 -10.42
CA LEU E 101 1.05 -7.18 -10.72
C LEU E 101 0.79 -6.66 -12.16
N LEU E 102 0.68 -7.59 -13.09
CA LEU E 102 0.56 -7.25 -14.50
C LEU E 102 -0.84 -6.93 -14.95
N GLN E 103 -1.83 -7.15 -14.08
CA GLN E 103 -3.25 -7.02 -14.42
C GLN E 103 -3.69 -7.99 -15.53
N ILE E 104 -3.09 -9.19 -15.53
CA ILE E 104 -3.55 -10.29 -16.34
C ILE E 104 -3.77 -11.39 -15.32
N GLU E 105 -4.97 -11.34 -14.72
CA GLU E 105 -5.32 -12.10 -13.52
C GLU E 105 -5.42 -13.58 -13.82
N LEU E 106 -4.87 -14.39 -12.91
CA LEU E 106 -5.11 -15.85 -12.94
C LEU E 106 -6.52 -16.12 -12.46
N LEU E 107 -7.44 -16.38 -13.38
CA LEU E 107 -8.83 -16.55 -12.97
C LEU E 107 -9.03 -17.78 -12.11
N ASP E 108 -8.41 -18.88 -12.54
CA ASP E 108 -8.54 -20.14 -11.84
C ASP E 108 -7.39 -21.07 -12.23
N HIS E 109 -7.14 -22.05 -11.35
CA HIS E 109 -6.32 -23.21 -11.69
C HIS E 109 -7.23 -24.39 -11.57
N VAL E 110 -7.40 -25.13 -12.67
CA VAL E 110 -8.27 -26.27 -12.73
C VAL E 110 -7.46 -27.54 -13.00
N ILE E 111 -7.58 -28.53 -12.11
CA ILE E 111 -7.02 -29.87 -12.33
C ILE E 111 -8.08 -30.76 -12.94
N VAL E 112 -7.82 -31.25 -14.15
CA VAL E 112 -8.81 -32.05 -14.85
C VAL E 112 -8.45 -33.54 -14.78
N GLY E 113 -9.51 -34.32 -14.61
CA GLY E 113 -9.43 -35.79 -14.60
C GLY E 113 -10.50 -36.32 -15.55
N ASN E 114 -11.18 -37.39 -15.14
CA ASN E 114 -11.98 -38.19 -16.09
C ASN E 114 -13.35 -37.58 -16.46
N ASN E 115 -14.31 -37.66 -15.54
CA ASN E 115 -15.56 -36.91 -15.73
C ASN E 115 -15.57 -36.04 -14.52
N ASP E 116 -14.42 -35.45 -14.26
CA ASP E 116 -14.16 -34.79 -12.99
C ASP E 116 -13.07 -33.71 -13.09
N TRP E 117 -13.06 -32.82 -12.13
CA TRP E 117 -12.09 -31.76 -12.12
C TRP E 117 -12.07 -31.20 -10.73
N PHE E 118 -11.08 -30.38 -10.48
CA PHE E 118 -10.93 -29.68 -9.21
C PHE E 118 -10.56 -28.25 -9.58
N SER E 119 -11.27 -27.29 -9.01
CA SER E 119 -11.04 -25.87 -9.22
C SER E 119 -10.47 -25.24 -7.97
N PHE E 120 -9.39 -24.49 -8.11
CA PHE E 120 -8.71 -23.87 -6.97
C PHE E 120 -9.58 -22.79 -6.40
N ARG E 121 -10.29 -22.09 -7.28
CA ARG E 121 -11.10 -20.99 -6.84
C ARG E 121 -12.29 -21.51 -6.07
N ASP E 122 -12.94 -22.58 -6.55
CA ASP E 122 -14.13 -23.11 -5.88
C ASP E 122 -13.79 -23.78 -4.54
N HIS E 123 -12.54 -24.19 -4.35
CA HIS E 123 -12.07 -24.69 -3.06
C HIS E 123 -11.38 -23.62 -2.24
N ALA E 124 -11.43 -22.37 -2.69
CA ALA E 124 -10.85 -21.26 -1.94
C ALA E 124 -9.33 -21.42 -1.70
N LEU E 125 -8.63 -21.98 -2.67
CA LEU E 125 -7.18 -22.20 -2.61
C LEU E 125 -6.47 -21.22 -3.54
N LEU E 126 -7.20 -20.35 -4.22
CA LEU E 126 -6.62 -19.52 -5.25
C LEU E 126 -5.84 -18.36 -4.63
N MET F 1 -43.60 0.46 -29.02
CA MET F 1 -43.19 1.08 -27.77
C MET F 1 -44.40 1.42 -26.90
N ASN F 2 -44.71 0.54 -25.95
CA ASN F 2 -44.33 -0.86 -26.06
C ASN F 2 -43.01 -1.17 -25.36
N LEU F 3 -42.22 -0.13 -25.13
CA LEU F 3 -40.89 -0.30 -24.56
C LEU F 3 -40.72 0.54 -23.30
N LYS F 4 -41.82 1.11 -22.82
CA LYS F 4 -41.77 2.02 -21.65
C LYS F 4 -41.86 1.26 -20.32
N VAL F 5 -41.24 1.81 -19.26
CA VAL F 5 -41.17 1.18 -17.93
C VAL F 5 -41.75 2.09 -16.83
N LYS F 6 -42.94 1.76 -16.36
CA LYS F 6 -43.67 2.54 -15.36
C LYS F 6 -43.66 1.82 -13.98
N GLY F 7 -42.93 0.70 -13.88
CA GLY F 7 -42.90 -0.13 -12.66
C GLY F 7 -42.22 -1.45 -12.87
N ALA F 8 -42.14 -2.24 -11.82
CA ALA F 8 -41.40 -3.50 -11.85
C ALA F 8 -42.06 -4.59 -12.69
N ARG F 9 -43.39 -4.56 -12.76
CA ARG F 9 -44.13 -5.48 -13.63
C ARG F 9 -43.77 -5.29 -15.10
N ASP F 10 -43.58 -4.04 -15.54
CA ASP F 10 -43.08 -3.77 -16.91
C ASP F 10 -41.72 -4.42 -17.24
N VAL F 11 -40.81 -4.47 -16.27
CA VAL F 11 -39.50 -5.12 -16.45
C VAL F 11 -39.68 -6.61 -16.61
N PHE F 12 -40.48 -7.19 -15.73
CA PHE F 12 -40.83 -8.62 -15.81
C PHE F 12 -41.45 -9.00 -17.17
N GLU F 13 -42.38 -8.19 -17.68
CA GLU F 13 -43.07 -8.45 -18.97
C GLU F 13 -42.13 -8.36 -20.19
N TYR F 14 -41.27 -7.36 -20.19
CA TYR F 14 -40.21 -7.25 -21.16
C TYR F 14 -39.19 -8.43 -21.12
N MET F 15 -38.88 -8.93 -19.93
CA MET F 15 -37.89 -10.00 -19.82
C MET F 15 -38.36 -11.38 -20.30
N LYS F 16 -39.66 -11.66 -20.24
CA LYS F 16 -40.12 -13.00 -20.65
C LYS F 16 -39.95 -13.20 -22.17
N GLY F 17 -39.31 -14.32 -22.52
CA GLY F 17 -38.91 -14.62 -23.87
C GLY F 17 -37.48 -14.22 -24.13
N ARG F 18 -36.95 -13.32 -23.29
CA ARG F 18 -35.63 -12.72 -23.52
C ARG F 18 -34.53 -13.38 -22.69
N ILE F 19 -34.90 -14.35 -21.86
CA ILE F 19 -33.90 -15.18 -21.18
C ILE F 19 -33.42 -16.27 -22.17
N PRO F 20 -32.15 -16.20 -22.62
CA PRO F 20 -31.68 -17.07 -23.73
C PRO F 20 -31.72 -18.58 -23.41
N ASP F 21 -31.50 -18.94 -22.14
CA ASP F 21 -31.70 -20.30 -21.64
C ASP F 21 -32.10 -20.20 -20.18
N GLU F 22 -33.36 -20.48 -19.88
CA GLU F 22 -33.89 -20.27 -18.52
C GLU F 22 -33.36 -21.26 -17.49
N THR F 23 -32.48 -22.18 -17.91
CA THR F 23 -31.76 -23.03 -16.96
C THR F 23 -30.40 -22.41 -16.51
N LYS F 24 -29.90 -21.44 -17.25
CA LYS F 24 -28.63 -20.79 -16.91
C LYS F 24 -28.90 -19.44 -16.28
N GLU F 25 -27.94 -18.97 -15.48
CA GLU F 25 -28.06 -17.66 -14.83
C GLU F 25 -27.49 -16.54 -15.68
N HIS F 26 -28.22 -15.44 -15.72
CA HIS F 26 -27.73 -14.25 -16.35
C HIS F 26 -27.94 -13.01 -15.49
N LEU F 27 -27.14 -12.01 -15.84
CA LEU F 27 -27.38 -10.66 -15.43
C LEU F 27 -27.80 -9.91 -16.70
N PHE F 28 -28.82 -9.06 -16.54
CA PHE F 28 -29.27 -8.18 -17.59
C PHE F 28 -29.20 -6.75 -17.12
N VAL F 29 -28.79 -5.89 -18.04
CA VAL F 29 -28.79 -4.44 -17.83
C VAL F 29 -29.76 -3.83 -18.83
N LEU F 30 -30.79 -3.17 -18.33
CA LEU F 30 -31.73 -2.41 -19.14
C LEU F 30 -31.31 -0.95 -19.17
N PHE F 31 -31.01 -0.45 -20.37
CA PHE F 31 -30.56 0.92 -20.59
C PHE F 31 -31.77 1.76 -20.88
N LEU F 32 -32.01 2.76 -20.05
CA LEU F 32 -33.26 3.53 -20.12
C LEU F 32 -32.99 4.93 -20.57
N SER F 33 -33.88 5.42 -21.42
CA SER F 33 -33.90 6.83 -21.82
C SER F 33 -34.40 7.67 -20.67
N THR F 34 -34.42 8.98 -20.86
CA THR F 34 -34.86 9.88 -19.81
C THR F 34 -36.38 9.79 -19.62
N LYS F 35 -37.08 9.27 -20.63
CA LYS F 35 -38.51 9.02 -20.50
C LYS F 35 -38.80 7.55 -20.16
N ASN F 36 -37.83 6.87 -19.53
CA ASN F 36 -37.94 5.48 -19.05
C ASN F 36 -38.29 4.49 -20.16
N GLN F 37 -37.75 4.76 -21.33
CA GLN F 37 -37.89 3.91 -22.50
C GLN F 37 -36.65 2.97 -22.59
N ILE F 38 -36.87 1.67 -22.80
CA ILE F 38 -35.76 0.72 -22.91
C ILE F 38 -35.06 0.92 -24.24
N LEU F 39 -33.83 1.39 -24.19
CA LEU F 39 -33.04 1.62 -25.39
C LEU F 39 -32.59 0.28 -25.94
N ARG F 40 -32.20 -0.60 -25.05
CA ARG F 40 -31.54 -1.84 -25.39
C ARG F 40 -31.30 -2.56 -24.05
N HIS F 41 -30.96 -3.83 -24.10
CA HIS F 41 -30.40 -4.48 -22.93
C HIS F 41 -29.20 -5.31 -23.29
N GLU F 42 -28.27 -5.35 -22.33
CA GLU F 42 -27.14 -6.25 -22.29
C GLU F 42 -27.45 -7.55 -21.52
N THR F 43 -26.98 -8.67 -22.06
CA THR F 43 -27.10 -9.99 -21.43
C THR F 43 -25.72 -10.55 -21.08
N ILE F 44 -25.52 -10.88 -19.80
CA ILE F 44 -24.29 -11.46 -19.33
C ILE F 44 -24.54 -12.80 -18.62
N THR F 45 -24.07 -13.86 -19.26
CA THR F 45 -24.16 -15.19 -18.71
C THR F 45 -23.09 -15.26 -17.62
N ILE F 46 -23.50 -15.72 -16.43
CA ILE F 46 -22.66 -15.60 -15.25
C ILE F 46 -22.31 -16.92 -14.53
N GLY F 47 -21.27 -16.86 -13.69
CA GLY F 47 -20.77 -18.01 -12.99
C GLY F 47 -19.65 -17.62 -12.07
N THR F 48 -18.93 -18.61 -11.56
CA THR F 48 -17.87 -18.33 -10.59
C THR F 48 -16.69 -17.56 -11.21
N LEU F 49 -16.54 -17.61 -12.52
CA LEU F 49 -15.38 -16.96 -13.16
C LEU F 49 -15.71 -15.63 -13.87
N THR F 50 -16.93 -15.11 -13.71
CA THR F 50 -17.34 -13.92 -14.47
C THR F 50 -17.38 -12.57 -13.69
N ALA F 51 -16.70 -12.49 -12.54
CA ALA F 51 -16.76 -11.29 -11.67
C ALA F 51 -16.33 -10.00 -12.34
N SER F 52 -15.31 -10.08 -13.19
CA SER F 52 -14.84 -8.90 -13.91
C SER F 52 -15.83 -8.43 -14.96
N LEU F 53 -16.68 -9.32 -15.44
CA LEU F 53 -17.66 -9.01 -16.47
C LEU F 53 -18.81 -8.17 -15.99
N ILE F 54 -19.14 -8.31 -14.71
CA ILE F 54 -20.27 -7.65 -14.09
C ILE F 54 -19.83 -6.65 -13.02
N HIS F 55 -18.56 -6.27 -13.03
CA HIS F 55 -18.03 -5.21 -12.19
C HIS F 55 -18.70 -3.90 -12.64
N PRO F 56 -19.10 -3.07 -11.67
CA PRO F 56 -19.72 -1.76 -11.91
C PRO F 56 -19.13 -0.95 -13.04
N ARG F 57 -17.81 -0.95 -13.12
CA ARG F 57 -17.11 -0.23 -14.21
C ARG F 57 -17.50 -0.73 -15.61
N GLU F 58 -17.71 -2.04 -15.75
CA GLU F 58 -18.12 -2.62 -17.04
C GLU F 58 -19.58 -2.33 -17.31
N ILE F 59 -20.42 -2.50 -16.29
CA ILE F 59 -21.85 -2.24 -16.42
C ILE F 59 -22.06 -0.81 -16.81
N PHE F 60 -21.39 0.10 -16.12
CA PHE F 60 -21.57 1.53 -16.42
C PHE F 60 -20.86 2.03 -17.69
N LYS F 61 -19.74 1.43 -18.08
CA LYS F 61 -19.18 1.74 -19.41
C LYS F 61 -20.14 1.37 -20.52
N ALA F 62 -20.77 0.20 -20.41
CA ALA F 62 -21.86 -0.17 -21.33
C ALA F 62 -22.98 0.90 -21.37
N ALA F 63 -23.36 1.43 -20.19
CA ALA F 63 -24.42 2.41 -20.08
C ALA F 63 -23.99 3.73 -20.74
N ILE F 64 -22.75 4.09 -20.54
CA ILE F 64 -22.16 5.27 -21.13
C ILE F 64 -22.08 5.13 -22.65
N ARG F 65 -21.66 3.98 -23.12
CA ARG F 65 -21.66 3.76 -24.57
C ARG F 65 -23.04 3.89 -25.15
N GLU F 66 -24.04 3.42 -24.42
CA GLU F 66 -25.43 3.45 -24.86
C GLU F 66 -26.13 4.79 -24.71
N SER F 67 -25.45 5.76 -24.12
CA SER F 67 -26.08 7.02 -23.80
C SER F 67 -27.31 6.79 -22.90
N ALA F 68 -27.21 5.85 -21.96
CA ALA F 68 -28.27 5.60 -20.99
C ALA F 68 -28.40 6.75 -19.98
N HIS F 69 -29.62 7.14 -19.66
CA HIS F 69 -29.85 8.09 -18.58
C HIS F 69 -29.83 7.38 -17.24
N SER F 70 -30.45 6.20 -17.22
CA SER F 70 -30.44 5.33 -16.06
C SER F 70 -30.46 3.85 -16.48
N ILE F 71 -30.24 2.96 -15.49
CA ILE F 71 -30.26 1.50 -15.72
C ILE F 71 -31.15 0.73 -14.76
N ILE F 72 -31.67 -0.39 -15.23
CA ILE F 72 -32.27 -1.38 -14.38
C ILE F 72 -31.46 -2.68 -14.45
N LEU F 73 -31.09 -3.20 -13.29
CA LEU F 73 -30.51 -4.54 -13.17
C LEU F 73 -31.60 -5.63 -13.05
N VAL F 74 -31.41 -6.73 -13.78
CA VAL F 74 -32.23 -7.94 -13.69
C VAL F 74 -31.35 -9.22 -13.56
N HIS F 75 -31.77 -10.10 -12.66
CA HIS F 75 -31.25 -11.45 -12.53
C HIS F 75 -32.35 -12.49 -12.75
N ASN F 76 -32.13 -13.49 -13.59
CA ASN F 76 -33.00 -14.66 -13.59
C ASN F 76 -32.50 -15.74 -12.58
N HIS F 77 -33.44 -16.34 -11.85
CA HIS F 77 -33.18 -17.50 -10.97
C HIS F 77 -33.81 -18.74 -11.61
N PRO F 78 -33.00 -19.64 -12.19
CA PRO F 78 -33.52 -20.92 -12.75
C PRO F 78 -34.33 -21.80 -11.78
N SER F 79 -34.16 -21.59 -10.47
CA SER F 79 -34.87 -22.30 -9.40
C SER F 79 -36.36 -22.01 -9.40
N GLY F 80 -36.70 -20.81 -9.89
CA GLY F 80 -38.07 -20.32 -9.82
C GLY F 80 -38.22 -19.27 -8.74
N ASP F 81 -37.48 -19.39 -7.64
CA ASP F 81 -37.64 -18.47 -6.51
C ASP F 81 -37.05 -17.07 -6.78
N VAL F 82 -37.75 -16.03 -6.32
CA VAL F 82 -37.38 -14.64 -6.65
C VAL F 82 -36.79 -13.88 -5.46
N GLN F 83 -36.61 -14.55 -4.33
CA GLN F 83 -36.02 -13.92 -3.15
C GLN F 83 -34.52 -13.67 -3.42
N PRO F 84 -34.01 -12.50 -3.02
CA PRO F 84 -32.59 -12.20 -3.24
C PRO F 84 -31.62 -12.87 -2.24
N SER F 85 -30.56 -13.48 -2.77
CA SER F 85 -29.39 -13.91 -1.97
C SER F 85 -28.64 -12.69 -1.45
N ASN F 86 -27.93 -12.84 -0.33
CA ASN F 86 -27.10 -11.75 0.23
C ASN F 86 -26.05 -11.31 -0.79
N ALA F 87 -25.67 -12.22 -1.70
CA ALA F 87 -24.87 -11.86 -2.87
C ALA F 87 -25.59 -10.80 -3.69
N ASP F 88 -26.83 -11.10 -4.10
CA ASP F 88 -27.66 -10.12 -4.83
C ASP F 88 -27.72 -8.74 -4.14
N LYS F 89 -27.88 -8.72 -2.81
CA LYS F 89 -27.94 -7.44 -2.11
C LYS F 89 -26.58 -6.72 -2.10
N GLN F 90 -25.49 -7.48 -1.95
CA GLN F 90 -24.13 -6.96 -2.03
C GLN F 90 -23.95 -6.18 -3.34
N VAL F 91 -24.24 -6.84 -4.46
CA VAL F 91 -23.92 -6.28 -5.76
C VAL F 91 -24.74 -5.05 -6.08
N THR F 92 -25.98 -5.04 -5.59
CA THR F 92 -26.88 -3.93 -5.74
C THR F 92 -26.33 -2.66 -5.13
N SER F 93 -25.91 -2.75 -3.88
CA SER F 93 -25.41 -1.58 -3.17
C SER F 93 -24.19 -0.97 -3.86
N ILE F 94 -23.27 -1.84 -4.24
CA ILE F 94 -22.05 -1.49 -5.00
C ILE F 94 -22.38 -0.80 -6.32
N LEU F 95 -23.31 -1.37 -7.07
CA LEU F 95 -23.72 -0.81 -8.33
C LEU F 95 -24.47 0.52 -8.15
N LYS F 96 -25.32 0.62 -7.13
CA LYS F 96 -26.02 1.87 -6.87
C LYS F 96 -25.04 3.05 -6.60
N LYS F 97 -24.01 2.78 -5.81
CA LYS F 97 -22.98 3.77 -5.48
C LYS F 97 -22.18 4.27 -6.67
N ALA F 98 -21.66 3.33 -7.43
CA ALA F 98 -21.01 3.60 -8.72
C ALA F 98 -21.90 4.50 -9.60
N GLY F 99 -23.19 4.18 -9.68
CA GLY F 99 -24.16 4.96 -10.39
C GLY F 99 -24.30 6.39 -9.93
N ASP F 100 -24.31 6.61 -8.61
CA ASP F 100 -24.34 7.95 -8.09
C ASP F 100 -23.06 8.68 -8.44
N LEU F 101 -21.90 8.04 -8.27
CA LEU F 101 -20.64 8.61 -8.77
C LEU F 101 -20.78 9.16 -10.19
N LEU F 102 -21.43 8.41 -11.07
CA LEU F 102 -21.48 8.73 -12.48
C LEU F 102 -22.71 9.51 -12.86
N GLN F 103 -23.60 9.68 -11.90
CA GLN F 103 -24.91 10.28 -12.11
C GLN F 103 -25.70 9.57 -13.20
N ILE F 104 -25.57 8.25 -13.24
CA ILE F 104 -26.46 7.35 -13.99
C ILE F 104 -27.11 6.43 -12.98
N GLU F 105 -28.39 6.69 -12.71
CA GLU F 105 -29.06 6.06 -11.60
C GLU F 105 -29.39 4.61 -11.91
N LEU F 106 -29.16 3.75 -10.92
CA LEU F 106 -29.77 2.41 -10.86
C LEU F 106 -31.18 2.59 -10.34
N LEU F 107 -32.15 2.52 -11.23
CA LEU F 107 -33.54 2.74 -10.87
C LEU F 107 -34.15 1.58 -10.08
N ASP F 108 -33.65 0.36 -10.27
CA ASP F 108 -34.22 -0.82 -9.63
C ASP F 108 -33.37 -2.06 -9.92
N HIS F 109 -33.39 -3.00 -8.98
CA HIS F 109 -32.94 -4.36 -9.26
C HIS F 109 -34.11 -5.35 -9.21
N VAL F 110 -34.38 -6.00 -10.34
CA VAL F 110 -35.52 -6.89 -10.45
C VAL F 110 -35.08 -8.34 -10.67
N ILE F 111 -35.48 -9.21 -9.76
CA ILE F 111 -35.24 -10.65 -9.91
C ILE F 111 -36.45 -11.28 -10.52
N VAL F 112 -36.25 -12.00 -11.63
CA VAL F 112 -37.36 -12.60 -12.35
C VAL F 112 -37.32 -14.12 -12.27
N GLY F 113 -38.50 -14.73 -12.14
CA GLY F 113 -38.61 -16.18 -12.11
C GLY F 113 -39.99 -16.67 -12.46
N ASN F 114 -40.39 -17.79 -11.86
CA ASN F 114 -41.62 -18.47 -12.25
C ASN F 114 -42.84 -17.57 -12.11
N ASN F 115 -43.19 -16.88 -13.19
CA ASN F 115 -44.37 -16.02 -13.21
C ASN F 115 -44.43 -15.09 -11.99
N ASP F 116 -43.26 -14.58 -11.60
CA ASP F 116 -43.17 -13.69 -10.47
C ASP F 116 -41.84 -12.99 -10.59
N TRP F 117 -41.71 -11.90 -9.85
CA TRP F 117 -40.56 -11.08 -9.92
C TRP F 117 -40.48 -10.51 -8.53
N PHE F 118 -39.28 -10.05 -8.16
CA PHE F 118 -39.03 -9.34 -6.90
C PHE F 118 -38.34 -8.01 -7.26
N SER F 119 -38.90 -6.92 -6.79
CA SER F 119 -38.37 -5.61 -6.97
C SER F 119 -37.74 -5.09 -5.68
N PHE F 120 -36.43 -4.86 -5.71
CA PHE F 120 -35.72 -4.20 -4.61
C PHE F 120 -36.33 -2.85 -4.22
N ARG F 121 -36.81 -2.09 -5.21
CA ARG F 121 -37.32 -0.73 -4.94
C ARG F 121 -38.56 -0.73 -4.05
N ASP F 122 -39.55 -1.56 -4.37
CA ASP F 122 -40.76 -1.57 -3.56
C ASP F 122 -40.76 -2.65 -2.49
N HIS F 123 -39.58 -3.17 -2.19
CA HIS F 123 -39.31 -3.77 -0.90
C HIS F 123 -38.38 -2.84 -0.10
N ALA F 124 -38.14 -1.65 -0.62
CA ALA F 124 -37.28 -0.66 0.04
C ALA F 124 -35.86 -1.21 0.33
N LEU F 125 -35.42 -2.16 -0.49
CA LEU F 125 -34.06 -2.65 -0.48
C LEU F 125 -33.12 -1.80 -1.36
N LEU F 126 -33.67 -0.84 -2.10
CA LEU F 126 -32.81 -0.01 -2.92
C LEU F 126 -32.35 1.14 -2.03
N LEU G 3 -5.18 34.40 22.67
CA LEU G 3 -5.53 35.45 21.66
C LEU G 3 -6.25 34.79 20.47
N LYS G 4 -7.37 35.37 20.04
CA LYS G 4 -8.23 34.72 19.03
C LYS G 4 -7.78 34.98 17.58
N VAL G 5 -7.91 33.93 16.77
CA VAL G 5 -7.50 33.96 15.36
C VAL G 5 -8.73 34.14 14.48
N LYS G 6 -8.87 35.35 13.93
CA LYS G 6 -9.94 35.66 12.99
C LYS G 6 -9.42 35.66 11.55
N GLY G 7 -8.10 35.57 11.39
CA GLY G 7 -7.47 35.55 10.05
C GLY G 7 -5.97 35.27 10.11
N ALA G 8 -5.33 35.09 8.94
CA ALA G 8 -3.89 34.82 8.89
C ALA G 8 -3.01 35.97 9.41
N ARG G 9 -3.48 37.21 9.35
CA ARG G 9 -2.70 38.30 9.96
C ARG G 9 -2.57 38.16 11.48
N ASP G 10 -3.55 37.53 12.12
CA ASP G 10 -3.45 37.19 13.54
C ASP G 10 -2.38 36.13 13.81
N VAL G 11 -2.20 35.19 12.88
CA VAL G 11 -1.11 34.22 13.00
C VAL G 11 0.22 34.97 12.83
N PHE G 12 0.32 35.79 11.78
CA PHE G 12 1.51 36.59 11.52
C PHE G 12 1.93 37.44 12.71
N GLU G 13 0.96 38.15 13.29
CA GLU G 13 1.22 38.94 14.50
C GLU G 13 1.68 38.09 15.69
N TYR G 14 1.01 36.96 15.90
CA TYR G 14 1.38 36.06 17.00
C TYR G 14 2.83 35.58 16.83
N MET G 15 3.25 35.33 15.59
CA MET G 15 4.53 34.72 15.32
C MET G 15 5.71 35.68 15.41
N LYS G 16 5.45 36.98 15.36
CA LYS G 16 6.57 37.93 15.44
C LYS G 16 7.26 37.90 16.81
N GLY G 17 8.59 37.86 16.76
CA GLY G 17 9.43 37.70 17.95
C GLY G 17 9.42 36.28 18.52
N ARG G 18 8.98 35.29 17.74
CA ARG G 18 8.89 33.90 18.23
C ARG G 18 9.70 32.92 17.40
N ILE G 19 10.30 33.37 16.30
CA ILE G 19 11.27 32.56 15.54
C ILE G 19 12.62 32.63 16.25
N PRO G 20 13.08 31.51 16.86
CA PRO G 20 14.28 31.65 17.72
C PRO G 20 15.61 31.89 16.97
N ASP G 21 15.58 31.70 15.65
CA ASP G 21 16.68 32.08 14.78
C ASP G 21 16.08 32.15 13.40
N GLU G 22 15.89 33.38 12.92
CA GLU G 22 15.32 33.65 11.61
C GLU G 22 16.17 33.20 10.40
N THR G 23 17.40 32.75 10.62
CA THR G 23 18.22 32.26 9.50
C THR G 23 18.02 30.77 9.29
N LYS G 24 17.49 30.08 10.30
CA LYS G 24 17.10 28.66 10.18
C LYS G 24 15.56 28.44 10.03
N GLU G 25 15.22 27.36 9.31
CA GLU G 25 13.84 26.88 9.17
C GLU G 25 13.32 26.19 10.41
N HIS G 26 12.08 26.54 10.80
CA HIS G 26 11.36 25.85 11.86
C HIS G 26 9.94 25.57 11.41
N LEU G 27 9.29 24.72 12.21
CA LEU G 27 7.90 24.33 12.09
C LEU G 27 7.25 24.69 13.40
N PHE G 28 6.12 25.40 13.33
CA PHE G 28 5.38 25.75 14.53
C PHE G 28 3.98 25.18 14.41
N VAL G 29 3.48 24.63 15.50
CA VAL G 29 2.12 24.12 15.55
C VAL G 29 1.34 24.92 16.60
N LEU G 30 0.41 25.75 16.12
CA LEU G 30 -0.54 26.46 16.98
C LEU G 30 -1.75 25.59 17.23
N PHE G 31 -1.95 25.25 18.50
CA PHE G 31 -3.09 24.46 18.93
C PHE G 31 -4.22 25.39 19.31
N LEU G 32 -5.42 25.12 18.80
CA LEU G 32 -6.55 26.01 18.99
C LEU G 32 -7.81 25.37 19.54
N SER G 33 -8.60 26.21 20.20
CA SER G 33 -9.86 25.84 20.79
C SER G 33 -11.01 25.89 19.79
N THR G 34 -12.18 25.44 20.24
CA THR G 34 -13.44 25.48 19.48
C THR G 34 -13.79 26.90 18.94
N LYS G 35 -13.42 27.92 19.71
CA LYS G 35 -13.61 29.34 19.32
C LYS G 35 -12.35 30.00 18.69
N ASN G 36 -11.39 29.18 18.24
CA ASN G 36 -10.17 29.61 17.53
C ASN G 36 -9.18 30.44 18.36
N GLN G 37 -8.95 30.06 19.62
CA GLN G 37 -7.99 30.75 20.47
C GLN G 37 -6.72 29.91 20.66
N ILE G 38 -5.56 30.57 20.54
CA ILE G 38 -4.28 29.87 20.61
C ILE G 38 -4.00 29.41 22.04
N LEU G 39 -4.21 28.10 22.28
CA LEU G 39 -3.91 27.45 23.57
C LEU G 39 -2.42 27.57 23.89
N ARG G 40 -1.60 27.19 22.93
CA ARG G 40 -0.16 27.44 23.00
C ARG G 40 0.42 27.00 21.67
N HIS G 41 1.73 27.09 21.51
CA HIS G 41 2.34 26.56 20.33
C HIS G 41 3.51 25.65 20.63
N GLU G 42 3.75 24.76 19.68
CA GLU G 42 4.88 23.86 19.65
C GLU G 42 5.83 24.34 18.57
N THR G 43 7.12 24.20 18.81
CA THR G 43 8.11 24.56 17.83
C THR G 43 9.16 23.48 17.68
N ILE G 44 9.58 23.26 16.45
CA ILE G 44 10.46 22.17 16.10
C ILE G 44 11.45 22.72 15.11
N THR G 45 12.74 22.76 15.47
CA THR G 45 13.79 23.22 14.53
C THR G 45 14.04 22.10 13.53
N ILE G 46 14.11 22.46 12.27
CA ILE G 46 14.18 21.50 11.18
C ILE G 46 15.64 21.28 10.77
N GLY G 47 15.99 20.04 10.49
CA GLY G 47 17.28 19.74 9.90
C GLY G 47 17.24 18.39 9.23
N THR G 48 18.41 17.92 8.81
CA THR G 48 18.52 16.64 8.09
C THR G 48 18.04 15.45 8.90
N LEU G 49 18.05 15.59 10.23
CA LEU G 49 17.78 14.46 11.13
C LEU G 49 16.49 14.55 11.94
N THR G 50 15.60 15.46 11.57
CA THR G 50 14.36 15.73 12.34
C THR G 50 13.07 15.14 11.75
N ALA G 51 13.17 14.40 10.64
CA ALA G 51 12.00 13.87 9.90
C ALA G 51 10.87 13.34 10.78
N SER G 52 11.22 12.60 11.83
CA SER G 52 10.24 11.91 12.67
C SER G 52 9.61 12.80 13.74
N LEU G 53 10.25 13.93 14.03
CA LEU G 53 9.71 14.90 14.99
C LEU G 53 8.61 15.71 14.30
N ILE G 54 8.73 15.86 12.98
CA ILE G 54 7.78 16.65 12.23
C ILE G 54 6.68 15.79 11.55
N HIS G 55 6.80 14.46 11.58
CA HIS G 55 5.75 13.57 11.08
C HIS G 55 4.36 13.92 11.68
N PRO G 56 3.30 13.90 10.85
CA PRO G 56 1.89 14.09 11.24
C PRO G 56 1.42 13.44 12.56
N ARG G 57 1.78 12.17 12.80
CA ARG G 57 1.64 11.49 14.11
C ARG G 57 2.04 12.32 15.30
N GLU G 58 3.27 12.82 15.21
CA GLU G 58 3.88 13.59 16.25
C GLU G 58 3.14 14.88 16.39
N ILE G 59 2.74 15.47 15.26
CA ILE G 59 1.97 16.71 15.30
C ILE G 59 0.59 16.51 15.94
N PHE G 60 -0.10 15.46 15.53
CA PHE G 60 -1.45 15.24 16.00
C PHE G 60 -1.56 14.58 17.38
N LYS G 61 -0.50 13.90 17.81
CA LYS G 61 -0.42 13.42 19.20
C LYS G 61 -0.41 14.59 20.17
N ALA G 62 0.45 15.58 19.87
CA ALA G 62 0.55 16.83 20.64
C ALA G 62 -0.73 17.65 20.63
N ALA G 63 -1.46 17.59 19.51
CA ALA G 63 -2.79 18.20 19.37
C ALA G 63 -3.83 17.50 20.24
N ILE G 64 -3.76 16.17 20.25
CA ILE G 64 -4.63 15.33 21.07
C ILE G 64 -4.37 15.51 22.59
N ARG G 65 -3.11 15.58 22.96
CA ARG G 65 -2.71 15.79 24.33
C ARG G 65 -2.86 17.24 24.82
N GLU G 66 -2.94 18.20 23.89
CA GLU G 66 -3.33 19.57 24.23
C GLU G 66 -4.84 19.73 24.26
N SER G 67 -5.57 18.70 23.88
CA SER G 67 -7.04 18.76 23.78
C SER G 67 -7.53 19.81 22.78
N ALA G 68 -6.71 20.04 21.74
CA ALA G 68 -6.95 21.11 20.77
C ALA G 68 -8.02 20.72 19.77
N HIS G 69 -8.89 21.68 19.45
CA HIS G 69 -9.97 21.43 18.49
C HIS G 69 -9.47 21.46 17.04
N SER G 70 -8.43 22.26 16.84
CA SER G 70 -7.92 22.65 15.53
C SER G 70 -6.44 22.92 15.65
N ILE G 71 -5.74 22.80 14.54
CA ILE G 71 -4.38 23.30 14.47
C ILE G 71 -4.17 24.31 13.32
N ILE G 72 -3.18 25.17 13.52
CA ILE G 72 -2.59 25.96 12.45
C ILE G 72 -1.11 25.63 12.37
N LEU G 73 -0.67 25.36 11.14
CA LEU G 73 0.72 25.05 10.86
C LEU G 73 1.46 26.30 10.40
N VAL G 74 2.65 26.53 10.92
CA VAL G 74 3.46 27.68 10.50
C VAL G 74 4.87 27.24 10.11
N HIS G 75 5.35 27.71 8.96
CA HIS G 75 6.78 27.69 8.61
C HIS G 75 7.30 29.12 8.41
N ASN G 76 8.52 29.38 8.88
CA ASN G 76 9.23 30.56 8.45
C ASN G 76 10.11 30.23 7.25
N HIS G 77 10.30 31.24 6.41
CA HIS G 77 11.19 31.16 5.26
C HIS G 77 12.27 32.23 5.42
N PRO G 78 13.51 31.83 5.80
CA PRO G 78 14.68 32.71 5.95
C PRO G 78 15.01 33.55 4.71
N SER G 79 14.74 33.04 3.51
CA SER G 79 14.81 33.85 2.30
C SER G 79 13.96 35.12 2.40
N GLY G 80 12.91 35.05 3.21
CA GLY G 80 11.94 36.14 3.31
C GLY G 80 10.93 36.15 2.20
N ASP G 81 11.01 35.14 1.32
CA ASP G 81 10.03 34.93 0.26
C ASP G 81 9.01 33.95 0.83
N VAL G 82 7.79 34.43 1.03
CA VAL G 82 6.74 33.69 1.76
C VAL G 82 5.96 32.76 0.81
N GLN G 83 6.24 32.81 -0.49
CA GLN G 83 5.58 31.92 -1.44
C GLN G 83 5.95 30.48 -1.06
N PRO G 84 4.98 29.54 -1.09
CA PRO G 84 5.23 28.18 -0.63
C PRO G 84 6.09 27.34 -1.59
N SER G 85 7.07 26.62 -1.05
CA SER G 85 7.79 25.62 -1.83
C SER G 85 6.90 24.43 -2.20
N ASN G 86 7.38 23.58 -3.11
CA ASN G 86 6.74 22.27 -3.32
C ASN G 86 6.66 21.49 -2.05
N ALA G 87 7.71 21.54 -1.24
CA ALA G 87 7.75 20.81 0.02
C ALA G 87 6.64 21.27 0.93
N ASP G 88 6.40 22.58 1.00
CA ASP G 88 5.31 23.12 1.82
C ASP G 88 3.93 22.61 1.38
N LYS G 89 3.76 22.37 0.08
CA LYS G 89 2.45 22.00 -0.46
C LYS G 89 2.15 20.55 -0.16
N GLN G 90 3.18 19.74 -0.33
CA GLN G 90 3.12 18.34 -0.01
C GLN G 90 2.74 18.15 1.47
N VAL G 91 3.50 18.79 2.38
CA VAL G 91 3.28 18.62 3.83
C VAL G 91 1.85 19.03 4.27
N THR G 92 1.35 20.13 3.76
CA THR G 92 -0.02 20.59 3.99
C THR G 92 -1.09 19.56 3.65
N SER G 93 -0.97 18.96 2.47
CA SER G 93 -1.89 17.95 1.98
C SER G 93 -1.84 16.70 2.87
N ILE G 94 -0.64 16.23 3.18
CA ILE G 94 -0.49 15.08 4.12
C ILE G 94 -1.05 15.40 5.53
N LEU G 95 -0.68 16.54 6.11
CA LEU G 95 -1.29 16.99 7.37
C LEU G 95 -2.77 17.29 7.35
N LYS G 96 -3.31 17.76 6.22
CA LYS G 96 -4.74 18.03 6.14
C LYS G 96 -5.53 16.71 6.13
N LYS G 97 -5.00 15.75 5.37
CA LYS G 97 -5.55 14.41 5.30
C LYS G 97 -5.54 13.74 6.66
N ALA G 98 -4.37 13.70 7.33
CA ALA G 98 -4.25 13.13 8.69
C ALA G 98 -5.21 13.81 9.65
N GLY G 99 -5.44 15.10 9.48
CA GLY G 99 -6.39 15.84 10.31
C GLY G 99 -7.86 15.55 10.01
N ASP G 100 -8.20 15.14 8.80
CA ASP G 100 -9.58 14.74 8.47
C ASP G 100 -9.83 13.39 9.15
N LEU G 101 -9.05 12.39 8.77
CA LEU G 101 -9.03 11.10 9.45
C LEU G 101 -9.37 11.25 10.95
N LEU G 102 -8.51 11.95 11.68
CA LEU G 102 -8.63 12.13 13.13
C LEU G 102 -9.72 13.10 13.56
N GLN G 103 -10.35 13.77 12.60
CA GLN G 103 -11.26 14.91 12.87
C GLN G 103 -10.64 15.99 13.78
N ILE G 104 -9.41 16.38 13.42
CA ILE G 104 -8.77 17.55 13.98
C ILE G 104 -8.27 18.33 12.78
N GLU G 105 -8.91 19.47 12.55
CA GLU G 105 -8.76 20.16 11.30
C GLU G 105 -7.48 21.00 11.28
N LEU G 106 -6.78 20.90 10.16
CA LEU G 106 -5.78 21.88 9.77
C LEU G 106 -6.60 23.05 9.28
N LEU G 107 -6.72 24.04 10.16
CA LEU G 107 -7.47 25.24 9.86
C LEU G 107 -6.76 26.13 8.80
N ASP G 108 -5.43 26.18 8.90
CA ASP G 108 -4.57 26.85 7.96
C ASP G 108 -3.13 26.37 8.06
N HIS G 109 -2.38 26.66 7.00
CA HIS G 109 -0.94 26.62 6.98
C HIS G 109 -0.47 28.04 6.59
N VAL G 110 0.33 28.66 7.46
CA VAL G 110 0.86 29.99 7.21
C VAL G 110 2.42 30.01 7.14
N ILE G 111 2.94 30.56 6.05
CA ILE G 111 4.36 30.87 5.92
C ILE G 111 4.63 32.32 6.37
N VAL G 112 5.54 32.50 7.30
CA VAL G 112 5.92 33.83 7.72
C VAL G 112 7.34 34.13 7.19
N GLY G 113 7.55 35.38 6.83
CA GLY G 113 8.80 35.82 6.21
C GLY G 113 9.11 37.14 6.85
N ASN G 114 9.99 37.93 6.22
CA ASN G 114 10.30 39.26 6.78
C ASN G 114 9.18 40.24 6.49
N ASN G 115 8.41 40.50 7.54
CA ASN G 115 7.27 41.38 7.50
C ASN G 115 6.18 41.06 6.45
N ASP G 116 5.97 39.77 6.20
CA ASP G 116 4.88 39.35 5.36
C ASP G 116 4.45 37.95 5.73
N TRP G 117 3.31 37.53 5.18
CA TRP G 117 2.88 36.16 5.30
C TRP G 117 2.23 35.63 4.02
N PHE G 118 2.12 34.30 3.98
CA PHE G 118 1.32 33.58 3.00
C PHE G 118 0.43 32.55 3.69
N SER G 119 -0.88 32.67 3.45
CA SER G 119 -1.87 31.71 3.94
C SER G 119 -2.35 30.77 2.84
N PHE G 120 -2.24 29.47 3.08
CA PHE G 120 -2.78 28.47 2.14
C PHE G 120 -4.28 28.57 1.98
N ARG G 121 -4.98 28.72 3.09
CA ARG G 121 -6.42 28.91 3.09
C ARG G 121 -6.87 30.15 2.27
N ASP G 122 -6.24 31.29 2.47
CA ASP G 122 -6.55 32.51 1.72
C ASP G 122 -6.22 32.48 0.20
N HIS G 123 -5.42 31.49 -0.24
CA HIS G 123 -5.14 31.25 -1.66
C HIS G 123 -5.86 30.00 -2.15
N ALA G 124 -6.91 29.63 -1.42
CA ALA G 124 -7.72 28.46 -1.73
C ALA G 124 -6.97 27.13 -1.82
N LEU G 125 -5.83 27.00 -1.11
CA LEU G 125 -4.99 25.80 -1.22
C LEU G 125 -5.27 24.73 -0.17
N LEU G 126 -5.96 25.06 0.89
CA LEU G 126 -6.25 24.04 1.89
C LEU G 126 -7.24 23.00 1.34
N LEU H 3 23.17 18.96 23.27
CA LEU H 3 21.94 18.27 23.73
C LEU H 3 21.20 17.67 22.48
N LYS H 4 20.43 18.51 21.77
CA LYS H 4 19.57 18.00 20.69
C LYS H 4 20.15 18.11 19.26
N VAL H 5 19.99 17.03 18.51
CA VAL H 5 20.50 16.89 17.14
C VAL H 5 19.41 17.22 16.11
N LYS H 6 19.65 18.23 15.27
CA LYS H 6 18.84 18.50 14.08
C LYS H 6 19.53 17.95 12.85
N GLY H 7 20.86 17.94 12.87
CA GLY H 7 21.69 17.48 11.74
C GLY H 7 23.12 17.09 12.14
N ALA H 8 23.88 16.69 11.12
CA ALA H 8 25.26 16.24 11.24
C ALA H 8 26.22 17.24 11.88
N ARG H 9 26.02 18.54 11.68
CA ARG H 9 26.87 19.56 12.32
C ARG H 9 26.84 19.44 13.86
N ASP H 10 25.65 19.23 14.41
CA ASP H 10 25.49 18.97 15.84
C ASP H 10 26.21 17.68 16.31
N VAL H 11 26.35 16.69 15.44
CA VAL H 11 27.08 15.50 15.83
C VAL H 11 28.56 15.88 15.98
N PHE H 12 29.10 16.53 14.97
CA PHE H 12 30.48 16.97 14.96
C PHE H 12 30.83 17.88 16.15
N GLU H 13 29.89 18.76 16.50
CA GLU H 13 30.09 19.69 17.61
C GLU H 13 29.97 18.99 18.94
N TYR H 14 29.06 18.03 19.02
CA TYR H 14 28.98 17.16 20.18
C TYR H 14 30.27 16.39 20.40
N MET H 15 30.86 15.88 19.35
CA MET H 15 32.04 15.02 19.50
C MET H 15 33.35 15.79 19.69
N LYS H 16 33.38 17.08 19.42
CA LYS H 16 34.67 17.81 19.42
C LYS H 16 35.20 18.02 20.84
N GLY H 17 36.43 17.59 21.06
CA GLY H 17 36.97 17.48 22.42
C GLY H 17 36.56 16.23 23.20
N ARG H 18 35.68 15.38 22.65
CA ARG H 18 35.25 14.12 23.28
C ARG H 18 35.98 12.86 22.81
N ILE H 19 36.86 12.97 21.82
CA ILE H 19 37.68 11.84 21.41
C ILE H 19 38.92 11.76 22.32
N PRO H 20 39.14 10.61 22.99
CA PRO H 20 40.25 10.39 23.93
C PRO H 20 41.63 10.78 23.39
N ASP H 21 42.04 10.23 22.25
CA ASP H 21 43.12 10.85 21.47
C ASP H 21 42.93 10.69 19.96
N GLU H 22 43.15 11.78 19.25
CA GLU H 22 42.88 11.84 17.82
C GLU H 22 43.90 11.03 17.01
N THR H 23 45.01 10.68 17.67
CA THR H 23 45.96 9.63 17.22
C THR H 23 45.30 8.35 16.69
N LYS H 24 44.27 7.89 17.39
CA LYS H 24 43.67 6.57 17.12
C LYS H 24 42.30 6.73 16.47
N GLU H 25 41.91 5.69 15.73
CA GLU H 25 40.53 5.54 15.24
C GLU H 25 39.66 5.04 16.37
N HIS H 26 38.50 5.67 16.53
CA HIS H 26 37.44 5.21 17.40
C HIS H 26 36.17 5.15 16.58
N LEU H 27 35.29 4.24 16.98
CA LEU H 27 33.94 4.15 16.50
C LEU H 27 33.05 4.37 17.74
N PHE H 28 32.14 5.35 17.69
CA PHE H 28 31.22 5.63 18.80
C PHE H 28 29.78 5.40 18.37
N VAL H 29 28.91 5.19 19.35
CA VAL H 29 27.46 5.20 19.12
C VAL H 29 26.80 6.22 20.05
N LEU H 30 25.94 7.04 19.46
CA LEU H 30 25.15 7.99 20.20
C LEU H 30 23.76 7.38 20.34
N PHE H 31 23.22 7.39 21.56
CA PHE H 31 21.85 6.92 21.81
C PHE H 31 20.99 8.17 21.94
N LEU H 32 19.92 8.26 21.16
CA LEU H 32 19.11 9.47 21.14
C LEU H 32 17.69 9.17 21.60
N SER H 33 17.08 10.17 22.25
CA SER H 33 15.70 10.07 22.71
C SER H 33 14.79 10.25 21.52
N THR H 34 13.50 10.01 21.74
CA THR H 34 12.43 10.39 20.80
C THR H 34 12.48 11.87 20.41
N LYS H 35 12.94 12.71 21.34
CA LYS H 35 13.16 14.13 21.10
C LYS H 35 14.52 14.45 20.41
N ASN H 36 15.26 13.43 19.96
CA ASN H 36 16.59 13.59 19.34
C ASN H 36 17.65 14.18 20.29
N GLN H 37 17.47 13.96 21.59
CA GLN H 37 18.49 14.36 22.56
C GLN H 37 19.47 13.23 22.71
N ILE H 38 20.76 13.58 22.71
CA ILE H 38 21.78 12.58 23.00
C ILE H 38 21.69 12.12 24.46
N LEU H 39 21.43 10.83 24.66
CA LEU H 39 21.25 10.31 26.01
C LEU H 39 22.64 10.02 26.58
N ARG H 40 23.45 9.33 25.79
CA ARG H 40 24.88 9.28 26.01
C ARG H 40 25.53 8.67 24.78
N HIS H 41 26.84 8.46 24.84
CA HIS H 41 27.53 7.77 23.78
C HIS H 41 28.47 6.75 24.36
N GLU H 42 28.91 5.84 23.50
CA GLU H 42 29.81 4.77 23.85
C GLU H 42 30.90 4.63 22.82
N THR H 43 32.02 4.05 23.23
CA THR H 43 33.03 3.58 22.31
C THR H 43 32.73 2.12 22.01
N ILE H 44 32.77 1.76 20.74
CA ILE H 44 32.56 0.39 20.32
C ILE H 44 33.89 -0.19 19.95
N THR H 45 34.67 0.56 19.18
CA THR H 45 35.90 0.07 18.56
C THR H 45 37.03 1.06 18.75
N ILE H 46 38.27 0.54 18.82
CA ILE H 46 39.48 1.35 18.71
C ILE H 46 40.50 0.65 17.78
N GLY H 47 40.98 1.40 16.77
CA GLY H 47 41.87 0.86 15.73
C GLY H 47 41.16 0.74 14.40
N THR H 48 41.82 0.11 13.43
CA THR H 48 41.23 -0.09 12.10
C THR H 48 39.77 -0.51 12.23
N LEU H 49 38.89 0.13 11.46
CA LEU H 49 37.49 -0.26 11.43
C LEU H 49 37.31 -1.43 10.47
N THR H 50 36.94 -2.60 11.02
CA THR H 50 36.55 -3.77 10.20
C THR H 50 35.18 -4.30 10.58
N ALA H 51 34.32 -4.52 9.57
CA ALA H 51 33.01 -5.20 9.74
C ALA H 51 33.04 -6.39 10.72
N SER H 52 34.02 -7.29 10.52
CA SER H 52 34.27 -8.42 11.44
C SER H 52 34.14 -8.08 12.92
N LEU H 53 34.69 -6.92 13.29
CA LEU H 53 34.83 -6.53 14.68
C LEU H 53 33.60 -5.77 15.21
N ILE H 54 32.55 -5.62 14.40
CA ILE H 54 31.31 -5.01 14.90
C ILE H 54 30.12 -6.00 14.90
N HIS H 55 29.55 -6.19 16.08
CA HIS H 55 28.53 -7.20 16.29
C HIS H 55 27.22 -6.47 16.58
N PRO H 56 26.26 -6.50 15.64
CA PRO H 56 24.98 -5.82 15.84
C PRO H 56 24.30 -6.12 17.17
N ARG H 57 24.57 -7.29 17.75
CA ARG H 57 23.95 -7.67 19.02
C ARG H 57 24.44 -6.84 20.20
N GLU H 58 25.68 -6.35 20.15
CA GLU H 58 26.28 -5.65 21.27
C GLU H 58 25.85 -4.19 21.23
N ILE H 59 25.95 -3.62 20.05
CA ILE H 59 25.52 -2.25 19.77
C ILE H 59 24.03 -2.03 20.15
N PHE H 60 23.16 -2.90 19.65
CA PHE H 60 21.73 -2.81 19.93
C PHE H 60 21.28 -3.28 21.33
N LYS H 61 22.08 -4.10 22.00
CA LYS H 61 21.83 -4.43 23.40
C LYS H 61 21.96 -3.19 24.26
N ALA H 62 23.05 -2.47 24.05
CA ALA H 62 23.28 -1.16 24.65
C ALA H 62 22.17 -0.18 24.29
N ALA H 63 21.80 -0.07 23.03
CA ALA H 63 20.67 0.79 22.63
C ALA H 63 19.40 0.46 23.39
N ILE H 64 19.04 -0.80 23.44
CA ILE H 64 17.89 -1.21 24.24
C ILE H 64 18.05 -0.88 25.74
N ARG H 65 19.18 -1.27 26.31
CA ARG H 65 19.52 -0.91 27.72
C ARG H 65 19.32 0.59 28.00
N GLU H 66 19.77 1.44 27.10
CA GLU H 66 19.67 2.91 27.28
C GLU H 66 18.30 3.44 26.94
N SER H 67 17.37 2.55 26.62
CA SER H 67 16.05 2.93 26.06
C SER H 67 16.17 3.85 24.83
N ALA H 68 17.14 3.60 23.95
CA ALA H 68 17.38 4.47 22.78
C ALA H 68 16.25 4.41 21.76
N HIS H 69 15.69 5.54 21.38
CA HIS H 69 14.77 5.57 20.25
C HIS H 69 15.49 5.39 18.91
N SER H 70 16.67 6.03 18.83
CA SER H 70 17.52 5.89 17.68
C SER H 70 18.97 5.96 18.11
N ILE H 71 19.85 5.75 17.14
CA ILE H 71 21.28 5.80 17.32
C ILE H 71 21.96 6.54 16.15
N ILE H 72 23.11 7.13 16.43
CA ILE H 72 23.98 7.71 15.43
C ILE H 72 25.36 7.10 15.63
N LEU H 73 25.99 6.66 14.55
CA LEU H 73 27.40 6.21 14.55
C LEU H 73 28.35 7.36 14.22
N VAL H 74 29.46 7.44 14.97
CA VAL H 74 30.53 8.37 14.68
C VAL H 74 31.86 7.61 14.65
N HIS H 75 32.62 7.90 13.60
CA HIS H 75 33.89 7.30 13.33
C HIS H 75 34.83 8.50 13.15
N ASN H 76 35.98 8.51 13.82
CA ASN H 76 37.02 9.48 13.52
C ASN H 76 38.20 8.85 12.78
N HIS H 77 38.61 9.50 11.69
CA HIS H 77 39.80 9.14 10.95
C HIS H 77 40.96 10.01 11.44
N PRO H 78 42.00 9.41 12.06
CA PRO H 78 43.20 10.16 12.50
C PRO H 78 43.89 10.98 11.38
N SER H 79 43.74 10.57 10.12
CA SER H 79 44.23 11.35 8.98
C SER H 79 43.59 12.74 8.90
N GLY H 80 42.32 12.82 9.30
CA GLY H 80 41.49 14.02 9.09
C GLY H 80 40.69 13.93 7.81
N ASP H 81 41.01 12.92 6.98
CA ASP H 81 40.32 12.64 5.72
C ASP H 81 39.03 11.86 5.98
N VAL H 82 37.89 12.52 5.74
CA VAL H 82 36.60 12.04 6.22
C VAL H 82 35.77 11.24 5.18
N GLN H 83 36.36 10.83 4.07
CA GLN H 83 35.64 10.01 3.09
C GLN H 83 35.44 8.58 3.59
N PRO H 84 34.26 8.01 3.32
CA PRO H 84 33.99 6.65 3.76
C PRO H 84 34.86 5.58 3.09
N SER H 85 35.45 4.72 3.92
CA SER H 85 36.07 3.49 3.47
C SER H 85 35.01 2.56 2.94
N ASN H 86 35.46 1.51 2.27
CA ASN H 86 34.58 0.37 1.93
C ASN H 86 34.17 -0.39 3.20
N ALA H 87 35.06 -0.44 4.19
CA ALA H 87 34.74 -0.96 5.54
C ALA H 87 33.62 -0.11 6.22
N ASP H 88 33.91 1.17 6.44
CA ASP H 88 32.93 2.16 6.86
C ASP H 88 31.56 1.94 6.22
N LYS H 89 31.54 1.69 4.92
CA LYS H 89 30.30 1.44 4.17
C LYS H 89 29.68 0.07 4.50
N GLN H 90 30.52 -0.87 4.93
CA GLN H 90 30.09 -2.24 5.23
C GLN H 90 29.34 -2.30 6.56
N VAL H 91 29.95 -1.75 7.61
CA VAL H 91 29.33 -1.65 8.93
C VAL H 91 27.99 -0.87 8.83
N THR H 92 28.00 0.33 8.25
CA THR H 92 26.80 1.17 8.13
C THR H 92 25.61 0.44 7.56
N SER H 93 25.85 -0.29 6.48
CA SER H 93 24.82 -1.09 5.81
C SER H 93 24.20 -2.18 6.70
N ILE H 94 25.03 -2.91 7.46
CA ILE H 94 24.53 -3.95 8.36
C ILE H 94 23.74 -3.34 9.52
N LEU H 95 24.29 -2.29 10.15
CA LEU H 95 23.63 -1.58 11.22
C LEU H 95 22.33 -0.92 10.76
N LYS H 96 22.33 -0.36 9.57
CA LYS H 96 21.13 0.24 9.06
C LYS H 96 20.00 -0.80 8.98
N LYS H 97 20.28 -1.93 8.36
CA LYS H 97 19.29 -3.01 8.19
C LYS H 97 18.74 -3.52 9.54
N ALA H 98 19.67 -3.84 10.44
CA ALA H 98 19.44 -4.23 11.82
C ALA H 98 18.55 -3.30 12.64
N GLY H 99 18.79 -1.99 12.54
CA GLY H 99 18.00 -1.01 13.24
C GLY H 99 16.61 -0.85 12.68
N ASP H 100 16.49 -1.04 11.37
CA ASP H 100 15.18 -1.06 10.71
C ASP H 100 14.37 -2.27 11.18
N LEU H 101 14.98 -3.44 11.25
CA LEU H 101 14.30 -4.61 11.84
C LEU H 101 13.89 -4.35 13.28
N LEU H 102 14.82 -3.81 14.07
CA LEU H 102 14.56 -3.59 15.50
C LEU H 102 13.77 -2.32 15.85
N GLN H 103 13.48 -1.48 14.86
CA GLN H 103 12.86 -0.19 15.12
C GLN H 103 13.68 0.69 16.09
N ILE H 104 15.01 0.61 15.92
CA ILE H 104 15.96 1.53 16.56
C ILE H 104 16.80 2.04 15.41
N GLU H 105 16.25 3.05 14.76
CA GLU H 105 16.78 3.56 13.55
C GLU H 105 18.22 4.12 13.67
N LEU H 106 19.05 3.72 12.72
CA LEU H 106 20.28 4.39 12.42
C LEU H 106 19.94 5.66 11.63
N LEU H 107 19.95 6.78 12.36
CA LEU H 107 19.55 8.07 11.88
C LEU H 107 20.70 8.65 11.03
N ASP H 108 21.94 8.46 11.48
CA ASP H 108 23.08 8.78 10.63
C ASP H 108 24.34 8.03 11.02
N HIS H 109 25.31 8.09 10.11
CA HIS H 109 26.67 7.73 10.43
C HIS H 109 27.56 8.91 10.02
N VAL H 110 28.23 9.51 10.99
CA VAL H 110 29.05 10.70 10.71
C VAL H 110 30.55 10.41 10.94
N ILE H 111 31.36 10.65 9.93
CA ILE H 111 32.81 10.53 10.05
C ILE H 111 33.34 11.93 10.34
N VAL H 112 34.19 12.05 11.37
CA VAL H 112 34.71 13.34 11.82
C VAL H 112 36.25 13.34 11.71
N GLY H 113 36.81 14.49 11.39
CA GLY H 113 38.29 14.68 11.27
C GLY H 113 38.69 15.99 11.94
N ASN H 114 39.85 16.54 11.59
CA ASN H 114 40.18 17.86 12.10
C ASN H 114 39.26 18.85 11.38
N ASN H 115 38.29 19.37 12.11
CA ASN H 115 37.39 20.45 11.64
C ASN H 115 36.39 20.07 10.56
N ASP H 116 36.48 18.86 10.04
CA ASP H 116 35.57 18.42 9.00
C ASP H 116 34.80 17.13 9.35
N TRP H 117 33.71 16.90 8.62
CA TRP H 117 32.87 15.73 8.81
C TRP H 117 32.18 15.29 7.52
N PHE H 118 31.74 14.03 7.49
CA PHE H 118 31.02 13.48 6.36
C PHE H 118 29.77 12.76 6.87
N SER H 119 28.61 13.16 6.39
CA SER H 119 27.35 12.53 6.72
C SER H 119 26.96 11.47 5.68
N PHE H 120 26.62 10.28 6.13
CA PHE H 120 26.11 9.25 5.25
C PHE H 120 24.75 9.63 4.69
N ARG H 121 23.84 10.01 5.58
CA ARG H 121 22.51 10.42 5.19
C ARG H 121 22.53 11.56 4.19
N ASP H 122 23.44 12.53 4.35
CA ASP H 122 23.46 13.73 3.50
C ASP H 122 24.02 13.44 2.09
N HIS H 123 24.73 12.33 1.98
CA HIS H 123 25.21 11.83 0.73
C HIS H 123 24.32 10.70 0.19
N ALA H 124 23.10 10.58 0.69
CA ALA H 124 22.10 9.64 0.17
C ALA H 124 22.50 8.18 0.32
N LEU H 125 23.52 7.94 1.16
CA LEU H 125 24.14 6.60 1.31
C LEU H 125 23.44 5.74 2.34
N LEU H 126 22.27 6.17 2.81
CA LEU H 126 21.58 5.44 3.87
C LEU H 126 20.38 4.62 3.30
#